data_8JHY
#
_entry.id   8JHY
#
_cell.length_a   1.00
_cell.length_b   1.00
_cell.length_c   1.00
_cell.angle_alpha   90.00
_cell.angle_beta   90.00
_cell.angle_gamma   90.00
#
_symmetry.space_group_name_H-M   'P 1'
#
loop_
_entity.id
_entity.type
_entity.pdbx_description
1 polymer 'Guanine nucleotide-binding protein G(I)/G(S)/G(T) subunit beta-1'
2 polymer 'Guanine nucleotide-binding protein G(I)/G(S)/G(O) subunit gamma-2'
3 polymer 'Guanine nucleotide-binding protein G(i) subunit alpha-1'
4 polymer scFv16
5 polymer 'Hydroxycarboxylic acid receptor 2'
6 non-polymer 7-methyl-N-[(2R)-1-phenoxypropan-2-yl]-3-(4-propan-2-ylphenyl)pyrazolo[1,5-a]pyrimidine-6-carboxamide
7 non-polymer CHOLESTEROL
#
loop_
_entity_poly.entity_id
_entity_poly.type
_entity_poly.pdbx_seq_one_letter_code
_entity_poly.pdbx_strand_id
1 'polypeptide(L)'
;MHHHHLEVLFQGPGSSGSELDQLRQEAEQLKNQIRDARKACADATLSQITNNIDPVGRIQMRTRRTLRGHLAKIYAMHWG
TDSRLLVSASQDGKLIIWDSYTTNKVHAIPLRSSWVMTCAYAPSGNYVACGGLDNICSIYNLKTREGNVRVSRELAGHTG
YLSCCRFLDDNQIVTSSGDTTCALWDIETGQQTTTFTGHTGDVMSLSLAPDTRLFVSGACDASAKLWDVREGMCRQTFTG
HESDINAICFFPNGNAFATGSDDATCRLFDLRADQELMTYSHDNIICGITSVSFSKSGRLLLAGYDDFNCNVWDALKADR
AGVLAGHDNRVSCLGVTDDGMAVATGSWDSFLKIWN
;
B
2 'polypeptide(L)' MASNNTASIAQARKLVEQLKMEANIDRIKVSKAAADLMAYCEAHAKEDPLLTPVPASENPFREKKFFCAIL C
3 'polypeptide(L)'
;MGCTLSAEDKAAVERSKMIDRNLREDGEKAAREVKLLLLGAGESGKNTIVKQMKIIHEAGYSEEECKQYKAVVYSNTIQS
IIAIIRAMGRLKIDFGDSARADDARQLFVLAGAAEEGFMTAELAGVIKRLWKDSGVQACFNRSREYQLNDSAAYYLNDLD
RIAQPNYIPTQQDVLRTRVKTTGIVETHFTFKDLHFKMFDVGAQRSERKKWIHCFEGVTAIIFCVALSDYDLVLAEDEEM
NRMHASMKLFDSICNNKWFTDTSIILFLNKKDLFEEKIKKSPLTICYPEYAGSNTYEEAAAYIQCQFEDLNKRKDTKEIY
THFTCSTDTKNVQFVFDAVTDVIIKNNLKDCGLF
;
D
4 'polypeptide(L)'
;DVQLVESGGGLVQPGGSRKLSCSASGFAFSSFGMHWVRQAPEKGLEWVAYISSGSGTIYYADTVKGRFTISRDDPKNTLF
LQMTSLRSEDTAMYYCVRSIYYYGSSPFDFWGQGTTLTVSSGGGGSGGGGSGGGGSDIVMTQATSSVPVTPGESVSISCR
SSKSLLHSNGNTYLYWFLQRPGQSPQLLIYRMSNLASGVPDRFSGSGSGTAFTLTISRLEAEDVGVYYCMQHLEYPLTFG
AGTKLELKAAAENLYFQGHHHHHHHH
;
S
5 'polypeptide(L)'
;MKTIIALSYIFCLVFADYKDDDDAHHHHHHHHHHMNRHHLQDHFLEIDKKNCCVFRDDFIVKVLPPVLGLEFIFGLLGNG
LALWIFCFHLKSWKSSRIFLFNLAVADFLLIICLPFLMDNYVRRWDWKFGDIPCRLMLFMLAMNRQGSIIFLTVVAVDRY
FRVVHPHHALNKISNRTAAIISCLLWGITIGLTVHLLKKKMPIQNGGANLCSSFSICHTFQWHEAMFLLEFFLPLGIILF
CSARIIWSLRQRQMDRHAKIKRAITFIMVVAIVFVICFLPSVVVRIRIFWLLHTSGTQNCEVYRSVDLAFFITLSFTYMN
SMLDPVVYYFSSPSFPNFFSTLINRCLQRKMTGEPDNNRSTSVELTGDPNKTRGAPEALMANSGEPWSPSYLGPTSP
;
A
#
# COMPACT_ATOMS: atom_id res chain seq x y z
N GLY A 17 -2.83 12.40 -56.69
CA GLY A 17 -3.05 11.25 -57.54
C GLY A 17 -1.77 10.62 -58.04
N SER A 18 -1.34 11.04 -59.25
CA SER A 18 -0.09 10.54 -59.81
C SER A 18 1.10 10.95 -58.96
N GLU A 19 1.09 12.19 -58.45
CA GLU A 19 2.13 12.64 -57.55
C GLU A 19 2.18 11.79 -56.30
N LEU A 20 1.02 11.42 -55.76
CA LEU A 20 0.96 10.52 -54.61
C LEU A 20 1.68 9.21 -54.91
N ASP A 21 1.40 8.62 -56.07
CA ASP A 21 2.02 7.34 -56.41
C ASP A 21 3.53 7.47 -56.59
N GLN A 22 3.97 8.51 -57.30
CA GLN A 22 5.41 8.68 -57.52
C GLN A 22 6.14 8.92 -56.19
N LEU A 23 5.55 9.73 -55.30
CA LEU A 23 6.18 9.99 -54.01
C LEU A 23 6.20 8.74 -53.14
N ARG A 24 5.11 7.96 -53.16
CA ARG A 24 5.09 6.72 -52.39
C ARG A 24 6.17 5.76 -52.89
N GLN A 25 6.30 5.62 -54.21
CA GLN A 25 7.33 4.74 -54.76
C GLN A 25 8.73 5.22 -54.40
N GLU A 26 8.95 6.54 -54.47
CA GLU A 26 10.25 7.08 -54.08
C GLU A 26 10.55 6.78 -52.61
N ALA A 27 9.60 7.07 -51.71
CA ALA A 27 9.81 6.80 -50.30
C ALA A 27 10.04 5.32 -50.05
N GLU A 28 9.37 4.45 -50.81
CA GLU A 28 9.57 3.02 -50.63
C GLU A 28 10.98 2.60 -51.04
N GLN A 29 11.48 3.14 -52.15
CA GLN A 29 12.86 2.80 -52.51
C GLN A 29 13.89 3.47 -51.59
N LEU A 30 13.54 4.59 -50.95
CA LEU A 30 14.35 5.11 -49.85
C LEU A 30 14.40 4.13 -48.68
N LYS A 31 13.26 3.54 -48.33
CA LYS A 31 13.27 2.52 -47.28
C LYS A 31 14.15 1.35 -47.68
N ASN A 32 14.07 0.95 -48.95
CA ASN A 32 14.95 -0.12 -49.45
C ASN A 32 16.41 0.25 -49.31
N GLN A 33 16.76 1.50 -49.65
CA GLN A 33 18.14 1.96 -49.53
C GLN A 33 18.61 1.95 -48.09
N ILE A 34 17.77 2.41 -47.17
CA ILE A 34 18.14 2.39 -45.75
C ILE A 34 18.37 0.95 -45.29
N ARG A 35 17.49 0.04 -45.70
CA ARG A 35 17.66 -1.36 -45.32
C ARG A 35 18.96 -1.93 -45.85
N ASP A 36 19.29 -1.63 -47.12
CA ASP A 36 20.49 -2.19 -47.71
C ASP A 36 21.75 -1.62 -47.06
N ALA A 37 21.76 -0.32 -46.78
CA ALA A 37 22.88 0.28 -46.09
C ALA A 37 23.04 -0.29 -44.69
N ARG A 38 21.93 -0.53 -43.99
CA ARG A 38 22.00 -1.15 -42.68
C ARG A 38 22.54 -2.58 -42.76
N LYS A 39 22.13 -3.34 -43.77
CA LYS A 39 22.55 -4.73 -43.85
C LYS A 39 24.00 -4.86 -44.33
N ALA A 40 24.52 -3.86 -45.03
CA ALA A 40 25.87 -3.98 -45.58
C ALA A 40 26.95 -3.79 -44.52
N CYS A 41 26.61 -3.32 -43.32
CA CYS A 41 27.61 -3.06 -42.29
C CYS A 41 27.67 -4.13 -41.21
N ALA A 42 26.91 -5.23 -41.36
CA ALA A 42 26.85 -6.27 -40.34
C ALA A 42 27.62 -7.49 -40.83
N ASP A 43 28.57 -7.94 -40.02
CA ASP A 43 29.35 -9.13 -40.36
C ASP A 43 29.48 -10.13 -39.22
N ALA A 44 29.24 -9.75 -37.98
CA ALA A 44 29.26 -10.69 -36.86
C ALA A 44 28.46 -10.10 -35.71
N THR A 45 27.71 -10.96 -35.02
CA THR A 45 26.83 -10.54 -33.95
C THR A 45 27.55 -10.56 -32.61
N LEU A 46 26.86 -10.10 -31.57
CA LEU A 46 27.46 -10.00 -30.25
C LEU A 46 27.82 -11.39 -29.71
N SER A 47 26.99 -12.39 -30.01
CA SER A 47 27.23 -13.74 -29.51
C SER A 47 28.53 -14.32 -30.03
N GLN A 48 28.83 -14.10 -31.31
CA GLN A 48 30.06 -14.64 -31.89
C GLN A 48 31.29 -14.15 -31.15
N ILE A 49 31.40 -12.83 -30.97
CA ILE A 49 32.63 -12.28 -30.42
C ILE A 49 32.67 -12.42 -28.91
N THR A 50 31.51 -12.53 -28.27
CA THR A 50 31.50 -12.66 -26.82
C THR A 50 31.46 -14.13 -26.39
N ASN A 51 31.47 -15.06 -27.35
CA ASN A 51 31.50 -16.48 -27.03
C ASN A 51 32.76 -16.89 -26.29
N ASN A 52 33.70 -15.97 -26.08
CA ASN A 52 34.98 -16.33 -25.49
C ASN A 52 34.95 -16.28 -23.97
N ILE A 53 34.30 -15.27 -23.39
CA ILE A 53 34.43 -14.97 -21.97
C ILE A 53 33.58 -15.90 -21.12
N ASP A 54 33.83 -15.91 -19.81
CA ASP A 54 33.32 -16.74 -18.73
C ASP A 54 32.01 -16.19 -18.17
N PRO A 55 31.02 -17.05 -17.96
CA PRO A 55 29.71 -16.57 -17.50
C PRO A 55 29.74 -16.23 -16.02
N VAL A 56 29.02 -15.17 -15.67
CA VAL A 56 28.82 -14.84 -14.27
C VAL A 56 28.08 -16.00 -13.60
N GLY A 57 28.37 -16.23 -12.33
CA GLY A 57 27.72 -17.30 -11.61
C GLY A 57 26.28 -16.96 -11.32
N ARG A 58 25.54 -17.96 -10.84
CA ARG A 58 24.17 -17.73 -10.44
C ARG A 58 24.15 -16.65 -9.36
N ILE A 59 23.37 -15.61 -9.59
CA ILE A 59 23.24 -14.50 -8.66
C ILE A 59 22.15 -14.86 -7.67
N GLN A 60 22.49 -14.87 -6.39
CA GLN A 60 21.51 -14.99 -5.32
C GLN A 60 21.41 -13.63 -4.64
N MET A 61 20.22 -13.05 -4.68
CA MET A 61 19.94 -11.78 -4.01
C MET A 61 18.78 -12.00 -3.06
N ARG A 62 18.91 -11.49 -1.84
CA ARG A 62 17.87 -11.65 -0.83
C ARG A 62 17.19 -10.33 -0.54
N THR A 63 15.92 -10.42 -0.16
CA THR A 63 15.18 -9.25 0.27
C THR A 63 15.77 -8.72 1.56
N ARG A 64 16.52 -7.64 1.48
CA ARG A 64 17.10 -7.02 2.66
C ARG A 64 16.10 -6.12 3.37
N ARG A 65 15.21 -5.48 2.62
CA ARG A 65 14.21 -4.60 3.17
C ARG A 65 12.87 -4.81 2.48
N THR A 66 11.80 -4.43 3.14
CA THR A 66 10.47 -4.46 2.57
C THR A 66 9.74 -3.19 2.99
N LEU A 67 9.50 -2.30 2.03
CA LEU A 67 8.88 -1.02 2.28
C LEU A 67 7.39 -1.17 2.04
N ARG A 68 6.59 -0.86 3.06
CA ARG A 68 5.16 -1.10 3.01
C ARG A 68 4.40 0.06 3.61
N GLY A 69 3.18 0.27 3.11
CA GLY A 69 2.40 1.42 3.50
C GLY A 69 1.52 1.98 2.40
N HIS A 70 1.79 1.61 1.15
CA HIS A 70 0.87 1.90 0.05
C HIS A 70 -0.35 0.99 0.14
N LEU A 71 -1.50 1.51 -0.26
CA LEU A 71 -2.75 0.77 -0.16
C LEU A 71 -3.36 0.39 -1.50
N ALA A 72 -2.61 0.47 -2.59
CA ALA A 72 -3.14 0.10 -3.90
C ALA A 72 -1.95 -0.24 -4.79
N LYS A 73 -2.22 -0.38 -6.09
CA LYS A 73 -1.19 -0.80 -7.02
C LYS A 73 -0.14 0.30 -7.18
N ILE A 74 1.12 -0.11 -7.28
CA ILE A 74 2.24 0.83 -7.44
C ILE A 74 2.56 0.92 -8.91
N TYR A 75 2.71 2.16 -9.42
CA TYR A 75 2.93 2.33 -10.85
C TYR A 75 4.32 2.79 -11.24
N ALA A 76 5.01 3.55 -10.39
CA ALA A 76 6.36 3.99 -10.74
C ALA A 76 7.19 4.22 -9.48
N MET A 77 8.52 4.15 -9.66
CA MET A 77 9.48 4.52 -8.63
C MET A 77 10.74 5.08 -9.29
N HIS A 78 11.48 5.90 -8.55
CA HIS A 78 12.73 6.48 -9.02
C HIS A 78 13.71 6.63 -7.87
N TRP A 79 14.98 6.27 -8.11
CA TRP A 79 16.05 6.41 -7.13
C TRP A 79 16.61 7.82 -7.12
N GLY A 80 16.76 8.39 -5.93
CA GLY A 80 17.50 9.62 -5.77
C GLY A 80 18.97 9.43 -6.11
N THR A 81 19.66 10.54 -6.31
CA THR A 81 21.01 10.49 -6.88
C THR A 81 22.09 10.26 -5.82
N ASP A 82 21.74 10.20 -4.54
CA ASP A 82 22.70 9.86 -3.49
C ASP A 82 22.67 8.38 -3.14
N SER A 83 21.77 7.60 -3.75
CA SER A 83 21.65 6.15 -3.55
C SER A 83 21.14 5.81 -2.15
N ARG A 84 20.35 6.68 -1.54
CA ARG A 84 19.77 6.36 -0.25
C ARG A 84 18.28 6.71 -0.18
N LEU A 85 17.84 7.64 -1.01
CA LEU A 85 16.46 8.09 -1.02
C LEU A 85 15.78 7.66 -2.31
N LEU A 86 14.47 7.43 -2.25
CA LEU A 86 13.69 7.12 -3.43
C LEU A 86 12.25 7.57 -3.25
N VAL A 87 11.53 7.69 -4.37
CA VAL A 87 10.14 8.13 -4.41
C VAL A 87 9.31 7.08 -5.13
N SER A 88 8.06 6.92 -4.72
CA SER A 88 7.13 5.97 -5.35
C SER A 88 5.72 6.54 -5.39
N ALA A 89 4.95 6.08 -6.40
CA ALA A 89 3.61 6.56 -6.67
C ALA A 89 2.61 5.42 -6.85
N SER A 90 1.42 5.58 -6.27
CA SER A 90 0.38 4.57 -6.39
C SER A 90 -0.97 5.23 -6.63
N GLN A 91 -1.93 4.42 -7.07
CA GLN A 91 -3.30 4.85 -7.34
C GLN A 91 -4.08 5.16 -6.09
N ASP A 92 -3.52 4.88 -4.91
CA ASP A 92 -4.11 5.38 -3.67
C ASP A 92 -4.18 6.89 -3.68
N GLY A 93 -3.38 7.54 -4.53
CA GLY A 93 -3.32 8.98 -4.58
C GLY A 93 -2.15 9.59 -3.84
N LYS A 94 -1.11 8.82 -3.55
CA LYS A 94 -0.04 9.24 -2.68
C LYS A 94 1.30 9.19 -3.41
N LEU A 95 2.19 10.08 -3.00
CA LEU A 95 3.57 10.09 -3.45
C LEU A 95 4.46 10.02 -2.21
N ILE A 96 5.27 8.98 -2.08
CA ILE A 96 5.98 8.70 -0.84
C ILE A 96 7.49 8.75 -1.09
N ILE A 97 8.23 9.33 -0.13
CA ILE A 97 9.69 9.36 -0.17
C ILE A 97 10.24 8.52 0.99
N TRP A 98 11.09 7.55 0.66
CA TRP A 98 11.60 6.56 1.59
C TRP A 98 13.09 6.76 1.87
N ASP A 99 13.54 6.23 3.00
CA ASP A 99 14.95 6.15 3.38
C ASP A 99 15.31 4.66 3.38
N SER A 100 16.07 4.22 2.38
CA SER A 100 16.28 2.80 2.18
C SER A 100 17.08 2.16 3.30
N TYR A 101 18.05 2.89 3.86
CA TYR A 101 18.95 2.28 4.83
C TYR A 101 18.23 1.86 6.10
N THR A 102 17.32 2.69 6.60
CA THR A 102 16.62 2.39 7.85
C THR A 102 15.14 2.07 7.65
N THR A 103 14.61 2.17 6.43
CA THR A 103 13.21 1.88 6.09
C THR A 103 12.28 2.97 6.64
N ASN A 104 12.82 4.16 6.84
CA ASN A 104 12.07 5.30 7.35
C ASN A 104 11.31 6.01 6.23
N LYS A 105 10.24 6.70 6.61
CA LYS A 105 9.47 7.54 5.70
C LYS A 105 9.80 9.01 5.95
N VAL A 106 10.07 9.74 4.88
CA VAL A 106 10.53 11.12 4.98
C VAL A 106 9.42 12.13 4.65
N HIS A 107 8.65 11.86 3.60
CA HIS A 107 7.60 12.74 3.10
C HIS A 107 6.47 11.93 2.50
N ALA A 108 5.23 12.43 2.68
CA ALA A 108 4.04 11.90 2.00
C ALA A 108 3.32 13.07 1.36
N ILE A 109 2.99 12.96 0.08
CA ILE A 109 2.42 14.06 -0.70
C ILE A 109 1.08 13.60 -1.28
N PRO A 110 0.00 14.34 -1.05
CA PRO A 110 -1.29 14.01 -1.67
C PRO A 110 -1.45 14.66 -3.03
N LEU A 111 -2.00 13.89 -3.97
CA LEU A 111 -2.17 14.32 -5.34
C LEU A 111 -3.60 14.77 -5.57
N ARG A 112 -3.76 15.69 -6.52
CA ARG A 112 -5.08 16.18 -6.92
C ARG A 112 -5.82 15.18 -7.79
N SER A 113 -5.09 14.45 -8.65
CA SER A 113 -5.66 13.46 -9.55
C SER A 113 -5.12 12.09 -9.16
N SER A 114 -6.03 11.15 -8.88
CA SER A 114 -5.64 9.82 -8.45
C SER A 114 -4.96 8.99 -9.52
N TRP A 115 -5.20 9.26 -10.79
CA TRP A 115 -4.90 8.32 -11.87
C TRP A 115 -3.49 8.59 -12.42
N VAL A 116 -2.51 8.44 -11.54
CA VAL A 116 -1.14 8.81 -11.89
C VAL A 116 -0.41 7.62 -12.46
N MET A 117 0.55 7.91 -13.34
CA MET A 117 1.25 6.88 -14.07
C MET A 117 2.76 7.05 -14.10
N THR A 118 3.31 8.20 -13.68
CA THR A 118 4.76 8.39 -13.66
C THR A 118 5.19 9.27 -12.49
N CYS A 119 6.47 9.18 -12.15
CA CYS A 119 7.10 10.01 -11.13
C CYS A 119 8.59 10.11 -11.45
N ALA A 120 9.20 11.22 -11.03
CA ALA A 120 10.62 11.45 -11.27
C ALA A 120 11.24 12.27 -10.14
N TYR A 121 12.54 12.09 -9.94
CA TYR A 121 13.30 12.72 -8.87
C TYR A 121 14.35 13.61 -9.50
N ALA A 122 14.52 14.83 -9.02
CA ALA A 122 15.47 15.73 -9.63
C ALA A 122 16.89 15.37 -9.24
N PRO A 123 17.87 15.51 -10.15
CA PRO A 123 19.24 15.09 -9.84
C PRO A 123 19.94 15.95 -8.81
N SER A 124 19.31 17.01 -8.33
CA SER A 124 19.81 17.78 -7.21
C SER A 124 19.16 17.38 -5.89
N GLY A 125 17.91 16.92 -5.92
CA GLY A 125 17.18 16.56 -4.72
C GLY A 125 16.19 17.58 -4.24
N ASN A 126 15.88 18.59 -5.04
CA ASN A 126 14.99 19.66 -4.60
C ASN A 126 13.55 19.48 -5.07
N TYR A 127 13.34 18.77 -6.18
CA TYR A 127 12.03 18.66 -6.79
C TYR A 127 11.68 17.21 -7.11
N VAL A 128 10.38 16.94 -7.18
CA VAL A 128 9.84 15.71 -7.76
C VAL A 128 8.78 16.08 -8.79
N ALA A 129 8.53 15.15 -9.71
CA ALA A 129 7.56 15.36 -10.78
C ALA A 129 6.58 14.20 -10.80
N CYS A 130 5.30 14.51 -11.03
CA CYS A 130 4.28 13.47 -11.12
C CYS A 130 3.32 13.77 -12.25
N GLY A 131 2.53 12.76 -12.63
CA GLY A 131 1.49 12.94 -13.62
C GLY A 131 1.01 11.67 -14.28
N GLY A 132 -0.21 11.72 -14.83
CA GLY A 132 -0.76 10.66 -15.64
C GLY A 132 -2.26 10.75 -15.81
N LEU A 133 -2.76 10.28 -16.95
CA LEU A 133 -4.19 10.11 -17.23
C LEU A 133 -5.01 11.36 -16.92
N ASP A 134 -4.35 12.52 -16.92
CA ASP A 134 -5.02 13.79 -16.69
C ASP A 134 -4.51 14.89 -17.61
N ASN A 135 -3.51 14.59 -18.45
CA ASN A 135 -2.94 15.47 -19.46
C ASN A 135 -2.01 16.52 -18.87
N ILE A 136 -1.72 16.47 -17.56
CA ILE A 136 -0.96 17.50 -16.86
C ILE A 136 0.31 16.87 -16.31
N CYS A 137 1.36 17.67 -16.14
CA CYS A 137 2.57 17.23 -15.43
C CYS A 137 2.89 18.21 -14.32
N SER A 138 2.83 17.73 -13.07
CA SER A 138 2.96 18.60 -11.90
C SER A 138 4.36 18.50 -11.32
N ILE A 139 4.86 19.64 -10.81
CA ILE A 139 6.23 19.78 -10.33
C ILE A 139 6.16 20.27 -8.88
N TYR A 140 6.70 19.48 -7.96
CA TYR A 140 6.67 19.73 -6.52
C TYR A 140 8.06 20.06 -5.99
N ASN A 141 8.11 20.99 -5.03
CA ASN A 141 9.34 21.45 -4.41
C ASN A 141 9.50 20.86 -3.02
N LEU A 142 10.61 20.16 -2.79
CA LEU A 142 10.84 19.45 -1.54
C LEU A 142 11.46 20.29 -0.44
N LYS A 143 12.24 21.30 -0.78
CA LYS A 143 13.00 22.07 0.19
C LYS A 143 12.44 23.49 0.22
N THR A 144 11.42 23.69 1.03
CA THR A 144 10.80 24.99 1.23
C THR A 144 10.99 25.41 2.68
N ARG A 145 10.93 26.71 2.92
CA ARG A 145 11.18 27.23 4.26
C ARG A 145 10.01 26.94 5.21
N GLU A 146 8.88 26.48 4.70
CA GLU A 146 7.70 26.25 5.54
C GLU A 146 7.52 24.80 5.97
N GLY A 147 8.46 23.92 5.63
CA GLY A 147 8.47 22.58 6.18
C GLY A 147 7.55 21.59 5.51
N ASN A 148 6.73 22.01 4.57
CA ASN A 148 5.87 21.12 3.80
C ASN A 148 6.33 21.09 2.35
N VAL A 149 5.56 20.40 1.53
CA VAL A 149 5.77 20.37 0.08
C VAL A 149 4.55 21.03 -0.57
N ARG A 150 4.80 21.96 -1.47
CA ARG A 150 3.72 22.57 -2.23
C ARG A 150 4.08 22.51 -3.71
N VAL A 151 3.04 22.56 -4.55
CA VAL A 151 3.24 22.36 -5.99
C VAL A 151 3.85 23.62 -6.59
N SER A 152 4.97 23.44 -7.30
CA SER A 152 5.72 24.57 -7.82
C SER A 152 5.30 24.95 -9.23
N ARG A 153 4.96 23.96 -10.07
CA ARG A 153 4.49 24.26 -11.41
C ARG A 153 3.52 23.18 -11.87
N GLU A 154 2.80 23.49 -12.94
CA GLU A 154 1.76 22.60 -13.45
C GLU A 154 1.69 22.77 -14.97
N LEU A 155 2.37 21.90 -15.69
CA LEU A 155 2.53 22.05 -17.13
C LEU A 155 1.36 21.40 -17.87
N ALA A 156 0.68 22.21 -18.70
CA ALA A 156 -0.45 21.77 -19.50
C ALA A 156 -0.20 22.09 -20.97
N GLY A 157 -0.77 21.28 -21.85
CA GLY A 157 -0.52 21.42 -23.27
C GLY A 157 -0.46 20.12 -24.04
N HIS A 158 -0.61 19.01 -23.34
CA HIS A 158 -0.79 17.72 -23.99
C HIS A 158 -2.27 17.41 -24.11
N THR A 159 -2.61 16.58 -25.11
CA THR A 159 -3.99 16.18 -25.34
C THR A 159 -4.17 14.68 -25.11
N GLY A 160 -3.23 14.05 -24.42
CA GLY A 160 -3.34 12.66 -24.04
C GLY A 160 -2.66 12.44 -22.71
N TYR A 161 -2.78 11.22 -22.20
CA TYR A 161 -2.20 10.93 -20.90
C TYR A 161 -0.68 10.94 -20.95
N LEU A 162 -0.07 11.35 -19.84
CA LEU A 162 1.38 11.38 -19.69
C LEU A 162 1.90 9.99 -19.35
N SER A 163 2.93 9.54 -20.06
CA SER A 163 3.47 8.21 -19.81
C SER A 163 4.91 8.19 -19.36
N CYS A 164 5.60 9.34 -19.28
CA CYS A 164 6.95 9.40 -18.73
C CYS A 164 7.35 10.86 -18.52
N CYS A 165 8.29 11.08 -17.61
CA CYS A 165 8.89 12.39 -17.39
C CYS A 165 10.27 12.21 -16.78
N ARG A 166 11.23 13.03 -17.22
CA ARG A 166 12.59 13.00 -16.68
C ARG A 166 13.16 14.42 -16.66
N PHE A 167 13.82 14.77 -15.56
CA PHE A 167 14.43 16.08 -15.40
C PHE A 167 15.72 16.16 -16.21
N LEU A 168 15.89 17.23 -16.98
CA LEU A 168 17.14 17.45 -17.69
C LEU A 168 18.13 18.19 -16.81
N ASP A 169 17.65 19.22 -16.11
CA ASP A 169 18.39 19.96 -15.10
C ASP A 169 17.36 20.46 -14.09
N ASP A 170 17.73 21.47 -13.32
CA ASP A 170 16.80 22.01 -12.33
C ASP A 170 15.74 22.92 -12.95
N ASN A 171 15.82 23.22 -14.25
CA ASN A 171 14.90 24.17 -14.88
C ASN A 171 14.44 23.69 -16.25
N GLN A 172 14.71 22.44 -16.60
CA GLN A 172 14.16 21.87 -17.82
C GLN A 172 13.62 20.48 -17.52
N ILE A 173 12.65 20.05 -18.32
CA ILE A 173 12.07 18.71 -18.15
C ILE A 173 11.58 18.23 -19.51
N VAL A 174 11.50 16.91 -19.69
CA VAL A 174 11.11 16.31 -20.96
C VAL A 174 10.02 15.29 -20.68
N THR A 175 8.95 15.31 -21.50
CA THR A 175 7.78 14.48 -21.27
C THR A 175 7.35 13.79 -22.55
N SER A 176 6.60 12.70 -22.39
CA SER A 176 6.01 11.96 -23.50
C SER A 176 4.57 11.63 -23.15
N SER A 177 3.66 11.78 -24.12
CA SER A 177 2.25 11.61 -23.80
C SER A 177 1.58 10.62 -24.74
N GLY A 178 0.27 10.45 -24.52
CA GLY A 178 -0.60 9.60 -25.30
C GLY A 178 -1.16 10.21 -26.56
N ASP A 179 -0.82 11.46 -26.87
CA ASP A 179 -1.21 12.07 -28.13
C ASP A 179 -0.12 11.95 -29.19
N THR A 180 0.81 11.03 -28.97
CA THR A 180 1.93 10.74 -29.88
C THR A 180 2.91 11.92 -29.97
N THR A 181 3.06 12.62 -28.84
CA THR A 181 3.91 13.81 -28.81
C THR A 181 4.88 13.72 -27.64
N CYS A 182 6.12 14.13 -27.88
CA CYS A 182 7.05 14.44 -26.79
C CYS A 182 7.28 15.94 -26.72
N ALA A 183 7.65 16.42 -25.55
CA ALA A 183 7.80 17.86 -25.37
C ALA A 183 8.95 18.17 -24.44
N LEU A 184 9.58 19.32 -24.65
CA LEU A 184 10.60 19.86 -23.76
C LEU A 184 10.08 21.14 -23.13
N TRP A 185 10.07 21.20 -21.81
CA TRP A 185 9.50 22.33 -21.08
C TRP A 185 10.57 23.06 -20.30
N ASP A 186 10.53 24.39 -20.43
CA ASP A 186 11.23 25.32 -19.56
C ASP A 186 10.32 25.59 -18.37
N ILE A 187 10.70 25.08 -17.20
CA ILE A 187 9.81 25.15 -16.04
C ILE A 187 9.63 26.59 -15.58
N GLU A 188 10.65 27.44 -15.77
CA GLU A 188 10.57 28.81 -15.27
C GLU A 188 9.44 29.59 -15.92
N THR A 189 9.37 29.57 -17.25
CA THR A 189 8.36 30.36 -17.96
C THR A 189 7.02 29.64 -18.00
N GLY A 190 7.01 28.39 -18.47
CA GLY A 190 5.83 27.56 -18.38
C GLY A 190 5.25 27.09 -19.69
N GLN A 191 5.95 27.23 -20.81
CA GLN A 191 5.46 26.76 -22.10
C GLN A 191 6.46 25.79 -22.71
N GLN A 192 5.97 25.01 -23.67
CA GLN A 192 6.85 24.16 -24.45
C GLN A 192 7.87 25.00 -25.19
N THR A 193 9.13 24.61 -25.11
CA THR A 193 10.17 25.20 -25.95
C THR A 193 10.40 24.41 -27.22
N THR A 194 10.32 23.09 -27.15
CA THR A 194 10.43 22.25 -28.33
C THR A 194 9.36 21.17 -28.27
N THR A 195 8.83 20.83 -29.43
CA THR A 195 7.86 19.74 -29.58
C THR A 195 8.47 18.71 -30.51
N PHE A 196 8.41 17.45 -30.12
CA PHE A 196 8.94 16.35 -30.90
C PHE A 196 7.76 15.53 -31.42
N THR A 197 7.62 15.48 -32.75
CA THR A 197 6.52 14.83 -33.43
C THR A 197 7.09 13.83 -34.43
N GLY A 198 6.30 12.80 -34.70
CA GLY A 198 6.73 11.80 -35.66
C GLY A 198 6.29 10.38 -35.38
N HIS A 199 5.90 10.06 -34.16
CA HIS A 199 5.25 8.77 -33.95
C HIS A 199 3.81 8.81 -34.45
N THR A 200 3.29 7.63 -34.78
CA THR A 200 1.91 7.46 -35.21
C THR A 200 1.02 6.88 -34.13
N GLY A 201 1.62 6.23 -33.12
CA GLY A 201 0.90 5.65 -32.02
C GLY A 201 1.36 6.20 -30.68
N ASP A 202 0.66 5.75 -29.64
CA ASP A 202 0.89 6.27 -28.29
C ASP A 202 2.34 6.05 -27.87
N VAL A 203 2.92 7.06 -27.23
CA VAL A 203 4.30 6.99 -26.77
C VAL A 203 4.31 6.58 -25.31
N MET A 204 5.01 5.47 -25.00
CA MET A 204 4.95 4.88 -23.68
C MET A 204 6.15 5.16 -22.80
N SER A 205 7.32 5.48 -23.36
CA SER A 205 8.47 5.61 -22.49
C SER A 205 9.54 6.48 -23.13
N LEU A 206 10.45 6.99 -22.29
CA LEU A 206 11.64 7.67 -22.75
C LEU A 206 12.76 7.50 -21.74
N SER A 207 13.99 7.72 -22.19
CA SER A 207 15.15 7.69 -21.32
C SER A 207 16.20 8.66 -21.84
N LEU A 208 16.91 9.30 -20.89
CA LEU A 208 17.87 10.36 -21.18
C LEU A 208 19.28 9.82 -21.25
N ALA A 209 20.10 10.45 -22.09
CA ALA A 209 21.48 10.04 -22.26
C ALA A 209 22.32 10.49 -21.06
N PRO A 210 23.48 9.86 -20.85
CA PRO A 210 24.34 10.29 -19.73
C PRO A 210 24.78 11.74 -19.79
N ASP A 211 25.00 12.30 -20.98
CA ASP A 211 25.38 13.71 -21.10
C ASP A 211 24.20 14.65 -21.34
N THR A 212 23.01 14.12 -21.58
CA THR A 212 21.78 14.90 -21.76
C THR A 212 21.86 15.85 -22.95
N ARG A 213 22.32 15.33 -24.08
CA ARG A 213 22.16 16.01 -25.36
C ARG A 213 21.32 15.17 -26.31
N LEU A 214 20.89 14.00 -25.86
CA LEU A 214 20.05 13.10 -26.63
C LEU A 214 19.09 12.40 -25.68
N PHE A 215 18.05 11.81 -26.25
CA PHE A 215 17.22 10.87 -25.52
C PHE A 215 16.56 9.93 -26.51
N VAL A 216 16.09 8.80 -26.00
CA VAL A 216 15.39 7.82 -26.83
C VAL A 216 13.98 7.66 -26.29
N SER A 217 13.04 7.37 -27.20
CA SER A 217 11.64 7.21 -26.82
C SER A 217 11.03 6.03 -27.57
N GLY A 218 10.09 5.37 -26.90
CA GLY A 218 9.43 4.20 -27.42
C GLY A 218 7.92 4.23 -27.31
N ALA A 219 7.23 3.79 -28.36
CA ALA A 219 5.81 4.03 -28.59
C ALA A 219 5.07 2.74 -28.94
N CYS A 220 3.73 2.86 -29.00
CA CYS A 220 2.84 1.75 -29.32
C CYS A 220 2.80 1.41 -30.80
N ASP A 221 3.53 2.14 -31.65
CA ASP A 221 3.67 1.78 -33.05
C ASP A 221 4.85 0.84 -33.29
N ALA A 222 5.41 0.27 -32.22
CA ALA A 222 6.43 -0.78 -32.29
C ALA A 222 7.74 -0.28 -32.90
N SER A 223 8.12 0.96 -32.56
CA SER A 223 9.37 1.52 -33.04
C SER A 223 9.90 2.51 -32.01
N ALA A 224 11.20 2.82 -32.13
CA ALA A 224 11.89 3.70 -31.21
C ALA A 224 12.56 4.83 -31.99
N LYS A 225 12.63 6.00 -31.37
CA LYS A 225 13.22 7.16 -32.03
C LYS A 225 14.21 7.87 -31.13
N LEU A 226 15.31 8.34 -31.72
CA LEU A 226 16.35 9.09 -31.02
C LEU A 226 16.22 10.56 -31.38
N TRP A 227 16.12 11.41 -30.36
CA TRP A 227 15.87 12.84 -30.55
C TRP A 227 17.04 13.67 -30.06
N ASP A 228 17.23 14.82 -30.69
CA ASP A 228 18.28 15.78 -30.34
C ASP A 228 17.62 16.94 -29.62
N VAL A 229 18.04 17.17 -28.36
CA VAL A 229 17.39 18.19 -27.54
C VAL A 229 17.64 19.58 -28.09
N ARG A 230 18.86 19.85 -28.56
CA ARG A 230 19.20 21.19 -29.01
C ARG A 230 18.44 21.58 -30.27
N GLU A 231 18.65 20.85 -31.36
CA GLU A 231 18.06 21.21 -32.65
C GLU A 231 16.65 20.68 -32.82
N GLY A 232 16.20 19.78 -31.95
CA GLY A 232 14.80 19.40 -31.86
C GLY A 232 14.24 18.64 -33.05
N MET A 233 14.98 17.67 -33.57
CA MET A 233 14.49 16.90 -34.71
C MET A 233 14.84 15.44 -34.48
N CYS A 234 14.08 14.55 -35.11
CA CYS A 234 14.36 13.13 -35.03
C CYS A 234 15.65 12.79 -35.77
N ARG A 235 16.51 12.04 -35.09
CA ARG A 235 17.82 11.67 -35.62
C ARG A 235 17.81 10.31 -36.29
N GLN A 236 17.05 9.35 -35.75
CA GLN A 236 17.28 7.97 -36.10
C GLN A 236 16.11 7.13 -35.57
N THR A 237 15.76 6.09 -36.33
CA THR A 237 14.60 5.25 -36.03
C THR A 237 15.02 3.79 -35.97
N PHE A 238 14.36 3.04 -35.07
CA PHE A 238 14.72 1.66 -34.77
C PHE A 238 13.46 0.80 -34.81
N THR A 239 13.49 -0.27 -35.61
CA THR A 239 12.38 -1.18 -35.77
C THR A 239 12.84 -2.61 -35.52
N GLY A 240 11.87 -3.50 -35.29
CA GLY A 240 12.17 -4.89 -35.06
C GLY A 240 11.30 -5.60 -34.06
N HIS A 241 10.60 -4.85 -33.20
CA HIS A 241 9.68 -5.47 -32.26
C HIS A 241 8.37 -5.80 -32.97
N GLU A 242 7.40 -6.31 -32.21
CA GLU A 242 6.12 -6.73 -32.78
C GLU A 242 4.91 -6.27 -32.00
N SER A 243 5.08 -5.51 -30.92
CA SER A 243 3.96 -5.01 -30.13
C SER A 243 4.38 -3.68 -29.52
N ASP A 244 3.65 -3.25 -28.51
CA ASP A 244 4.00 -2.01 -27.84
C ASP A 244 5.40 -2.09 -27.24
N ILE A 245 6.03 -0.93 -27.07
CA ILE A 245 7.27 -0.81 -26.30
C ILE A 245 6.86 -0.24 -24.95
N ASN A 246 7.06 -1.03 -23.89
CA ASN A 246 6.63 -0.59 -22.57
C ASN A 246 7.74 0.04 -21.75
N ALA A 247 9.00 -0.24 -22.10
CA ALA A 247 10.14 0.14 -21.26
C ALA A 247 11.37 0.32 -22.13
N ILE A 248 12.25 1.22 -21.71
CA ILE A 248 13.47 1.52 -22.47
C ILE A 248 14.51 2.10 -21.51
N CYS A 249 15.79 1.87 -21.81
CA CYS A 249 16.88 2.33 -20.95
C CYS A 249 18.18 2.37 -21.73
N PHE A 250 19.03 3.35 -21.42
CA PHE A 250 20.40 3.43 -21.95
C PHE A 250 21.39 2.52 -21.23
N PHE A 251 22.38 2.07 -21.99
CA PHE A 251 23.57 1.43 -21.45
C PHE A 251 24.43 2.47 -20.74
N PRO A 252 25.20 2.07 -19.73
CA PRO A 252 26.01 3.05 -18.98
C PRO A 252 27.01 3.82 -19.84
N ASN A 253 27.44 3.27 -20.97
CA ASN A 253 28.41 3.97 -21.80
C ASN A 253 27.76 5.12 -22.56
N GLY A 254 26.47 5.01 -22.87
CA GLY A 254 25.78 6.01 -23.65
C GLY A 254 25.74 5.73 -25.14
N ASN A 255 26.11 4.53 -25.57
CA ASN A 255 26.19 4.18 -26.98
C ASN A 255 25.30 2.99 -27.32
N ALA A 256 24.35 2.65 -26.46
CA ALA A 256 23.46 1.53 -26.68
C ALA A 256 22.27 1.67 -25.76
N PHE A 257 21.17 1.00 -26.12
CA PHE A 257 19.98 1.05 -25.28
C PHE A 257 19.16 -0.23 -25.48
N ALA A 258 18.38 -0.59 -24.46
CA ALA A 258 17.62 -1.84 -24.48
C ALA A 258 16.14 -1.54 -24.31
N THR A 259 15.32 -2.28 -25.06
CA THR A 259 13.87 -2.09 -25.06
C THR A 259 13.19 -3.34 -24.52
N GLY A 260 12.03 -3.14 -23.89
CA GLY A 260 11.18 -4.22 -23.43
C GLY A 260 9.79 -4.13 -24.00
N SER A 261 9.37 -5.15 -24.72
CA SER A 261 8.14 -5.09 -25.49
C SER A 261 7.00 -5.83 -24.79
N ASP A 262 5.89 -5.97 -25.52
CA ASP A 262 4.70 -6.61 -25.02
C ASP A 262 4.55 -8.02 -25.57
N ASP A 263 5.56 -8.51 -26.27
CA ASP A 263 5.55 -9.83 -26.90
C ASP A 263 6.55 -10.78 -26.25
N ALA A 264 6.88 -10.54 -24.98
CA ALA A 264 7.76 -11.41 -24.18
C ALA A 264 9.19 -11.41 -24.70
N THR A 265 9.66 -10.22 -25.09
CA THR A 265 10.98 -10.11 -25.69
C THR A 265 11.64 -8.83 -25.21
N CYS A 266 12.96 -8.87 -25.00
CA CYS A 266 13.78 -7.67 -24.81
C CYS A 266 14.81 -7.61 -25.93
N ARG A 267 15.20 -6.40 -26.29
CA ARG A 267 16.16 -6.23 -27.39
C ARG A 267 17.20 -5.19 -27.05
N LEU A 268 18.36 -5.30 -27.70
CA LEU A 268 19.47 -4.36 -27.51
C LEU A 268 19.81 -3.69 -28.83
N PHE A 269 19.72 -2.37 -28.88
CA PHE A 269 20.00 -1.56 -30.07
C PHE A 269 21.26 -0.72 -29.88
N ASP A 270 21.98 -0.53 -30.99
CA ASP A 270 23.29 0.11 -31.04
C ASP A 270 23.22 1.36 -31.89
N LEU A 271 23.70 2.49 -31.36
CA LEU A 271 23.50 3.77 -32.01
C LEU A 271 24.37 3.98 -33.25
N ARG A 272 25.67 3.75 -33.15
CA ARG A 272 26.56 4.09 -34.27
C ARG A 272 26.40 3.12 -35.42
N ALA A 273 25.89 1.92 -35.15
CA ALA A 273 25.58 0.93 -36.18
C ALA A 273 24.11 0.57 -36.00
N ASP A 274 23.24 1.26 -36.74
CA ASP A 274 21.81 1.21 -36.43
C ASP A 274 21.25 -0.15 -36.75
N GLN A 275 21.58 -1.11 -35.89
CA GLN A 275 21.17 -2.49 -36.04
C GLN A 275 20.49 -2.95 -34.76
N GLU A 276 20.24 -4.25 -34.72
CA GLU A 276 19.85 -4.95 -33.51
C GLU A 276 21.03 -5.78 -33.04
N LEU A 277 21.30 -5.76 -31.74
CA LEU A 277 22.47 -6.44 -31.20
C LEU A 277 22.15 -7.83 -30.67
N MET A 278 21.12 -7.96 -29.86
CA MET A 278 20.81 -9.25 -29.27
C MET A 278 19.42 -9.23 -28.64
N THR A 279 18.82 -10.41 -28.55
CA THR A 279 17.45 -10.61 -28.09
C THR A 279 17.44 -11.47 -26.83
N TYR A 280 16.69 -11.04 -25.83
CA TYR A 280 16.54 -11.74 -24.57
C TYR A 280 15.12 -12.28 -24.48
N SER A 281 14.98 -13.59 -24.63
CA SER A 281 13.69 -14.25 -24.68
C SER A 281 13.87 -15.75 -24.45
N HIS A 282 12.80 -16.38 -24.00
CA HIS A 282 12.81 -17.81 -23.69
C HIS A 282 11.46 -18.40 -24.07
N ASP A 283 11.45 -19.70 -24.39
CA ASP A 283 10.23 -20.34 -24.87
C ASP A 283 9.19 -20.54 -23.77
N ASN A 284 9.59 -20.46 -22.49
CA ASN A 284 8.62 -20.61 -21.41
C ASN A 284 8.10 -19.27 -20.92
N ILE A 285 8.53 -18.18 -21.54
CA ILE A 285 8.01 -16.86 -21.20
C ILE A 285 7.10 -16.39 -22.32
N ILE A 286 5.82 -16.20 -22.01
CA ILE A 286 4.83 -15.89 -23.02
C ILE A 286 4.16 -14.55 -22.72
N CYS A 287 4.44 -14.00 -21.55
CA CYS A 287 3.83 -12.76 -21.11
C CYS A 287 4.80 -11.60 -21.31
N GLY A 288 4.26 -10.38 -21.27
CA GLY A 288 5.04 -9.22 -21.66
C GLY A 288 5.86 -8.61 -20.54
N ILE A 289 6.73 -7.68 -20.93
CA ILE A 289 7.66 -7.01 -20.04
C ILE A 289 7.10 -5.65 -19.65
N THR A 290 7.35 -5.24 -18.42
CA THR A 290 6.96 -3.92 -17.96
C THR A 290 8.14 -2.98 -17.70
N SER A 291 9.32 -3.51 -17.37
CA SER A 291 10.42 -2.67 -16.91
C SER A 291 11.75 -3.29 -17.33
N VAL A 292 12.71 -2.42 -17.65
CA VAL A 292 14.06 -2.84 -18.04
C VAL A 292 15.06 -1.91 -17.36
N SER A 293 16.18 -2.46 -16.89
CA SER A 293 17.20 -1.66 -16.23
C SER A 293 18.55 -2.35 -16.34
N PHE A 294 19.61 -1.58 -16.14
CA PHE A 294 20.97 -2.05 -16.35
C PHE A 294 21.77 -2.04 -15.04
N SER A 295 22.95 -2.67 -15.09
CA SER A 295 23.88 -2.72 -13.97
C SER A 295 24.94 -1.63 -14.15
N LYS A 296 25.68 -1.37 -13.06
CA LYS A 296 26.65 -0.28 -13.07
C LYS A 296 27.74 -0.48 -14.12
N SER A 297 28.22 -1.70 -14.30
CA SER A 297 29.17 -1.99 -15.36
C SER A 297 28.50 -2.48 -16.63
N GLY A 298 27.17 -2.59 -16.64
CA GLY A 298 26.44 -3.05 -17.79
C GLY A 298 26.60 -4.53 -18.08
N ARG A 299 26.94 -5.32 -17.06
CA ARG A 299 27.02 -6.77 -17.20
C ARG A 299 25.70 -7.46 -16.89
N LEU A 300 24.77 -6.81 -16.22
CA LEU A 300 23.50 -7.41 -15.87
C LEU A 300 22.37 -6.57 -16.45
N LEU A 301 21.37 -7.23 -17.00
CA LEU A 301 20.13 -6.58 -17.40
C LEU A 301 19.00 -7.16 -16.56
N LEU A 302 18.28 -6.31 -15.84
CA LEU A 302 17.14 -6.75 -15.06
C LEU A 302 15.89 -6.40 -15.82
N ALA A 303 14.93 -7.33 -15.87
CA ALA A 303 13.65 -7.10 -16.52
C ALA A 303 12.52 -7.55 -15.62
N GLY A 304 11.50 -6.71 -15.49
CA GLY A 304 10.31 -7.05 -14.75
C GLY A 304 9.20 -7.57 -15.63
N TYR A 305 8.53 -8.63 -15.21
CA TYR A 305 7.48 -9.24 -16.02
C TYR A 305 6.14 -9.16 -15.30
N ASP A 306 5.11 -9.70 -15.96
CA ASP A 306 3.78 -9.83 -15.36
C ASP A 306 3.42 -11.27 -15.06
N ASP A 307 4.39 -12.19 -15.14
CA ASP A 307 4.31 -13.50 -14.51
C ASP A 307 4.65 -13.46 -13.04
N PHE A 308 4.60 -12.25 -12.46
CA PHE A 308 4.80 -11.96 -11.05
C PHE A 308 6.26 -11.84 -10.62
N ASN A 309 7.24 -12.04 -11.49
CA ASN A 309 8.60 -12.06 -10.97
C ASN A 309 9.57 -11.43 -11.97
N CYS A 310 10.75 -11.10 -11.44
CA CYS A 310 11.82 -10.41 -12.14
C CYS A 310 12.88 -11.40 -12.63
N ASN A 311 13.57 -11.01 -13.70
CA ASN A 311 14.57 -11.85 -14.32
C ASN A 311 15.87 -11.09 -14.46
N VAL A 312 16.99 -11.79 -14.28
CA VAL A 312 18.32 -11.23 -14.38
C VAL A 312 19.03 -11.93 -15.52
N TRP A 313 19.52 -11.14 -16.49
CA TRP A 313 20.12 -11.65 -17.70
C TRP A 313 21.58 -11.23 -17.75
N ASP A 314 22.46 -12.17 -18.06
CA ASP A 314 23.83 -11.82 -18.39
C ASP A 314 23.79 -11.09 -19.72
N ALA A 315 23.98 -9.77 -19.69
CA ALA A 315 23.74 -8.90 -20.83
C ALA A 315 24.81 -9.00 -21.89
N LEU A 316 25.68 -10.00 -21.83
CA LEU A 316 26.68 -10.22 -22.87
C LEU A 316 26.63 -11.60 -23.47
N LYS A 317 25.88 -12.54 -22.89
CA LYS A 317 25.77 -13.89 -23.43
C LYS A 317 24.33 -14.36 -23.60
N ALA A 318 23.33 -13.60 -23.14
CA ALA A 318 21.92 -13.84 -23.45
C ALA A 318 21.40 -15.11 -22.78
N ASP A 319 21.87 -15.37 -21.56
CA ASP A 319 21.35 -16.48 -20.77
C ASP A 319 20.96 -15.97 -19.39
N ARG A 320 19.94 -16.58 -18.81
CA ARG A 320 19.46 -16.15 -17.51
C ARG A 320 20.40 -16.62 -16.41
N ALA A 321 20.66 -15.76 -15.44
CA ALA A 321 21.63 -16.02 -14.39
C ALA A 321 21.09 -15.60 -13.03
N GLY A 322 19.79 -15.64 -12.86
CA GLY A 322 19.16 -15.33 -11.59
C GLY A 322 17.69 -15.00 -11.74
N VAL A 323 16.96 -15.07 -10.63
CA VAL A 323 15.54 -14.73 -10.58
C VAL A 323 15.28 -14.04 -9.24
N LEU A 324 14.55 -12.94 -9.28
CA LEU A 324 14.06 -12.27 -8.07
C LEU A 324 12.58 -12.60 -7.86
N ALA A 325 12.31 -13.77 -7.29
CA ALA A 325 10.94 -14.27 -7.14
C ALA A 325 10.48 -14.06 -5.71
N GLY A 326 9.89 -12.90 -5.43
CA GLY A 326 9.34 -12.65 -4.12
C GLY A 326 8.10 -11.79 -4.13
N HIS A 327 7.43 -11.68 -5.26
CA HIS A 327 6.26 -10.82 -5.41
C HIS A 327 5.01 -11.65 -5.68
N ASP A 328 3.86 -11.08 -5.34
CA ASP A 328 2.58 -11.79 -5.36
C ASP A 328 1.67 -11.35 -6.49
N ASN A 329 2.00 -10.27 -7.18
CA ASN A 329 1.24 -9.78 -8.33
C ASN A 329 2.22 -9.27 -9.38
N ARG A 330 1.74 -8.51 -10.35
CA ARG A 330 2.57 -8.06 -11.46
C ARG A 330 3.65 -7.08 -10.99
N VAL A 331 4.83 -7.19 -11.60
CA VAL A 331 5.96 -6.30 -11.32
C VAL A 331 5.89 -5.13 -12.28
N SER A 332 5.62 -3.93 -11.75
CA SER A 332 5.38 -2.77 -12.58
C SER A 332 6.57 -1.83 -12.76
N CYS A 333 7.51 -1.80 -11.82
CA CYS A 333 8.59 -0.82 -11.83
C CYS A 333 9.81 -1.36 -11.09
N LEU A 334 10.97 -0.79 -11.42
CA LEU A 334 12.25 -1.41 -11.08
C LEU A 334 13.39 -0.42 -11.30
N GLY A 335 14.42 -0.47 -10.45
CA GLY A 335 15.53 0.46 -10.56
C GLY A 335 16.78 0.04 -9.81
N VAL A 336 17.92 0.56 -10.27
CA VAL A 336 19.25 0.27 -9.72
C VAL A 336 19.92 1.58 -9.32
N THR A 337 20.71 1.54 -8.24
CA THR A 337 21.31 2.75 -7.70
C THR A 337 22.50 3.21 -8.53
N ASP A 338 23.01 4.40 -8.18
CA ASP A 338 24.10 5.00 -8.92
C ASP A 338 25.47 4.47 -8.51
N ASP A 339 25.55 3.80 -7.36
CA ASP A 339 26.76 3.13 -6.93
C ASP A 339 26.68 1.61 -7.12
N GLY A 340 25.49 1.09 -7.40
CA GLY A 340 25.32 -0.32 -7.68
C GLY A 340 25.13 -1.20 -6.47
N MET A 341 24.72 -0.65 -5.33
CA MET A 341 24.65 -1.46 -4.12
C MET A 341 23.40 -2.31 -4.07
N ALA A 342 22.29 -1.83 -4.63
CA ALA A 342 20.99 -2.44 -4.40
C ALA A 342 20.15 -2.42 -5.67
N VAL A 343 19.02 -3.12 -5.61
CA VAL A 343 17.97 -3.04 -6.62
C VAL A 343 16.66 -2.84 -5.89
N ALA A 344 15.75 -2.05 -6.46
CA ALA A 344 14.40 -1.91 -5.92
C ALA A 344 13.39 -2.36 -6.96
N THR A 345 12.36 -3.07 -6.49
CA THR A 345 11.22 -3.46 -7.33
C THR A 345 9.91 -3.12 -6.63
N GLY A 346 8.98 -2.54 -7.38
CA GLY A 346 7.65 -2.25 -6.87
C GLY A 346 6.61 -3.11 -7.56
N SER A 347 5.48 -3.39 -6.92
CA SER A 347 4.56 -4.35 -7.52
C SER A 347 3.12 -3.88 -7.43
N TRP A 348 2.28 -4.54 -8.22
CA TRP A 348 0.83 -4.37 -8.17
C TRP A 348 0.23 -4.91 -6.88
N ASP A 349 0.99 -5.66 -6.09
CA ASP A 349 0.60 -6.10 -4.76
C ASP A 349 0.81 -5.03 -3.70
N SER A 350 1.33 -3.86 -4.08
CA SER A 350 1.53 -2.69 -3.21
C SER A 350 2.75 -2.81 -2.30
N PHE A 351 3.75 -3.60 -2.70
CA PHE A 351 4.97 -3.70 -1.93
C PHE A 351 6.19 -3.35 -2.78
N LEU A 352 7.18 -2.76 -2.11
CA LEU A 352 8.49 -2.45 -2.65
C LEU A 352 9.53 -3.27 -1.91
N LYS A 353 10.56 -3.71 -2.64
CA LYS A 353 11.58 -4.55 -2.04
C LYS A 353 12.96 -4.17 -2.56
N ILE A 354 13.95 -4.30 -1.68
CA ILE A 354 15.36 -3.98 -1.98
C ILE A 354 16.17 -5.27 -1.91
N TRP A 355 17.00 -5.48 -2.93
CA TRP A 355 17.81 -6.67 -3.08
C TRP A 355 19.28 -6.29 -3.11
N ASN A 356 20.13 -7.11 -2.49
CA ASN A 356 21.59 -6.93 -2.57
C ASN A 356 22.32 -8.24 -2.78
N THR B 6 -6.00 17.78 -49.71
CA THR B 6 -4.77 17.89 -50.49
C THR B 6 -3.55 17.81 -49.58
N ALA B 7 -3.80 17.60 -48.28
CA ALA B 7 -2.72 17.48 -47.31
C ALA B 7 -1.83 16.27 -47.55
N SER B 8 -2.28 15.32 -48.37
CA SER B 8 -1.49 14.13 -48.63
C SER B 8 -0.14 14.48 -49.26
N ILE B 9 -0.12 15.42 -50.20
CA ILE B 9 1.15 15.80 -50.81
C ILE B 9 2.08 16.45 -49.80
N ALA B 10 1.55 17.22 -48.85
CA ALA B 10 2.39 17.83 -47.83
C ALA B 10 2.96 16.79 -46.88
N GLN B 11 2.13 15.84 -46.44
CA GLN B 11 2.62 14.76 -45.59
C GLN B 11 3.68 13.95 -46.31
N ALA B 12 3.46 13.68 -47.60
CA ALA B 12 4.44 12.95 -48.39
C ALA B 12 5.74 13.74 -48.51
N ARG B 13 5.65 15.06 -48.68
CA ARG B 13 6.84 15.90 -48.72
C ARG B 13 7.64 15.80 -47.43
N LYS B 14 6.94 15.88 -46.29
CA LYS B 14 7.63 15.78 -45.01
C LYS B 14 8.30 14.41 -44.85
N LEU B 15 7.56 13.35 -45.21
CA LEU B 15 8.09 12.00 -45.07
C LEU B 15 9.29 11.78 -45.97
N VAL B 16 9.23 12.27 -47.21
CA VAL B 16 10.36 12.05 -48.11
C VAL B 16 11.57 12.88 -47.69
N GLU B 17 11.36 14.09 -47.16
CA GLU B 17 12.49 14.82 -46.57
C GLU B 17 13.14 14.03 -45.45
N GLN B 18 12.32 13.45 -44.57
CA GLN B 18 12.88 12.67 -43.47
C GLN B 18 13.65 11.45 -43.97
N LEU B 19 13.09 10.75 -44.96
CA LEU B 19 13.78 9.58 -45.50
C LEU B 19 15.04 9.97 -46.26
N LYS B 20 15.07 11.16 -46.84
CA LYS B 20 16.32 11.68 -47.39
C LYS B 20 17.37 11.80 -46.30
N MET B 21 17.01 12.43 -45.18
CA MET B 21 18.04 12.81 -44.22
C MET B 21 18.50 11.63 -43.37
N GLU B 22 17.60 10.71 -43.01
CA GLU B 22 18.04 9.56 -42.20
C GLU B 22 18.83 8.53 -43.00
N ALA B 23 18.86 8.66 -44.33
CA ALA B 23 19.71 7.81 -45.16
C ALA B 23 21.08 8.42 -45.39
N ASN B 24 21.44 9.45 -44.62
CA ASN B 24 22.60 10.28 -44.88
C ASN B 24 23.40 10.51 -43.61
N ILE B 25 23.65 9.44 -42.86
CA ILE B 25 24.47 9.50 -41.66
C ILE B 25 25.69 8.60 -41.87
N ASP B 26 26.61 8.67 -40.92
CA ASP B 26 27.80 7.83 -40.93
C ASP B 26 27.55 6.57 -40.11
N ARG B 27 28.05 5.45 -40.63
CA ARG B 27 27.87 4.15 -39.98
C ARG B 27 29.22 3.49 -39.76
N ILE B 28 29.31 2.69 -38.71
CA ILE B 28 30.48 1.90 -38.39
C ILE B 28 30.09 0.43 -38.45
N LYS B 29 31.08 -0.43 -38.23
CA LYS B 29 30.81 -1.87 -38.16
C LYS B 29 30.13 -2.21 -36.85
N VAL B 30 29.62 -3.44 -36.76
CA VAL B 30 28.95 -3.87 -35.54
C VAL B 30 29.93 -4.54 -34.60
N SER B 31 30.93 -5.23 -35.15
CA SER B 31 31.93 -5.89 -34.31
C SER B 31 32.71 -4.88 -33.49
N LYS B 32 33.04 -3.73 -34.07
CA LYS B 32 33.80 -2.72 -33.33
C LYS B 32 33.01 -2.21 -32.14
N ALA B 33 31.73 -1.89 -32.34
CA ALA B 33 30.92 -1.40 -31.24
C ALA B 33 30.70 -2.47 -30.18
N ALA B 34 30.48 -3.72 -30.60
CA ALA B 34 30.29 -4.78 -29.62
C ALA B 34 31.57 -5.04 -28.83
N ALA B 35 32.72 -4.89 -29.47
CA ALA B 35 33.98 -4.96 -28.74
C ALA B 35 34.12 -3.80 -27.77
N ASP B 36 33.58 -2.64 -28.13
CA ASP B 36 33.56 -1.51 -27.20
C ASP B 36 32.70 -1.83 -25.98
N LEU B 37 31.57 -2.51 -26.19
CA LEU B 37 30.76 -3.00 -25.08
C LEU B 37 31.57 -3.95 -24.19
N MET B 38 32.27 -4.90 -24.81
CA MET B 38 33.10 -5.83 -24.06
C MET B 38 34.15 -5.09 -23.23
N ALA B 39 34.78 -4.08 -23.82
CA ALA B 39 35.81 -3.33 -23.11
C ALA B 39 35.23 -2.56 -21.93
N TYR B 40 34.08 -1.89 -22.12
CA TYR B 40 33.49 -1.18 -21.00
C TYR B 40 33.07 -2.13 -19.89
N CYS B 41 32.72 -3.37 -20.24
CA CYS B 41 32.41 -4.33 -19.18
C CYS B 41 33.66 -4.82 -18.47
N GLU B 42 34.70 -5.14 -19.24
CA GLU B 42 35.98 -5.59 -18.70
C GLU B 42 36.65 -4.59 -17.79
N ALA B 43 36.53 -3.29 -18.08
CA ALA B 43 37.32 -2.30 -17.35
C ALA B 43 36.59 -1.69 -16.16
N HIS B 44 35.41 -2.19 -15.79
CA HIS B 44 34.71 -1.69 -14.61
C HIS B 44 34.19 -2.83 -13.74
N ALA B 45 34.76 -4.03 -13.88
CA ALA B 45 34.26 -5.21 -13.18
C ALA B 45 34.40 -5.12 -11.67
N LYS B 46 35.43 -4.45 -11.15
CA LYS B 46 35.69 -4.40 -9.72
C LYS B 46 34.81 -3.40 -8.99
N GLU B 47 33.99 -2.63 -9.69
CA GLU B 47 33.28 -1.51 -9.09
C GLU B 47 31.78 -1.72 -8.95
N ASP B 48 31.20 -2.77 -9.53
CA ASP B 48 29.78 -3.02 -9.35
C ASP B 48 29.58 -4.09 -8.28
N PRO B 49 28.96 -3.74 -7.15
CA PRO B 49 28.76 -4.74 -6.08
C PRO B 49 27.99 -5.96 -6.51
N LEU B 50 26.97 -5.79 -7.36
CA LEU B 50 26.05 -6.89 -7.63
C LEU B 50 26.71 -8.01 -8.42
N LEU B 51 27.75 -7.68 -9.18
CA LEU B 51 28.41 -8.70 -10.00
C LEU B 51 29.34 -9.56 -9.16
N THR B 52 30.36 -8.94 -8.57
CA THR B 52 31.22 -9.62 -7.61
C THR B 52 30.75 -9.21 -6.23
N PRO B 53 30.13 -10.11 -5.46
CA PRO B 53 29.46 -9.68 -4.22
C PRO B 53 30.40 -9.00 -3.26
N VAL B 54 30.04 -7.77 -2.86
CA VAL B 54 30.82 -6.97 -1.93
C VAL B 54 30.94 -7.78 -0.64
N PRO B 55 32.08 -7.74 0.06
CA PRO B 55 32.16 -8.44 1.34
C PRO B 55 31.14 -7.90 2.33
N ALA B 56 30.76 -8.73 3.28
CA ALA B 56 29.73 -8.40 4.25
C ALA B 56 30.14 -7.29 5.20
N SER B 57 31.31 -6.68 5.00
CA SER B 57 31.84 -5.72 5.95
C SER B 57 31.60 -4.26 5.57
N GLU B 58 31.06 -3.98 4.38
CA GLU B 58 30.76 -2.59 4.07
C GLU B 58 29.46 -2.34 3.31
N ASN B 59 28.65 -3.36 3.01
CA ASN B 59 27.33 -3.06 2.47
C ASN B 59 26.38 -2.60 3.57
N PRO B 60 25.65 -1.51 3.35
CA PRO B 60 24.78 -0.95 4.39
C PRO B 60 23.39 -1.53 4.45
N PHE B 61 23.11 -2.63 3.76
CA PHE B 61 21.76 -3.16 3.72
C PHE B 61 21.60 -4.46 4.51
N ARG B 62 22.66 -4.89 5.21
CA ARG B 62 22.58 -5.92 6.24
C ARG B 62 21.42 -5.69 7.20
N GLY C 2 16.39 1.50 20.29
CA GLY C 2 16.57 2.60 21.22
C GLY C 2 17.98 2.68 21.76
N CYS C 3 18.68 1.55 21.76
CA CYS C 3 20.04 1.48 22.29
C CYS C 3 21.06 1.85 21.23
N THR C 4 21.00 1.24 20.05
CA THR C 4 21.91 1.60 18.97
C THR C 4 21.59 2.99 18.43
N LEU C 5 20.31 3.36 18.41
CA LEU C 5 19.88 4.62 17.82
C LEU C 5 20.45 5.81 18.58
N SER C 6 20.78 6.85 17.81
CA SER C 6 21.20 8.13 18.36
C SER C 6 19.98 8.89 18.85
N ALA C 7 20.15 10.15 19.25
CA ALA C 7 19.03 10.94 19.69
C ALA C 7 18.28 11.57 18.53
N GLU C 8 18.95 11.78 17.40
CA GLU C 8 18.31 12.30 16.19
C GLU C 8 17.70 11.22 15.32
N ASP C 9 18.19 10.00 15.38
CA ASP C 9 17.55 8.88 14.69
C ASP C 9 16.28 8.44 15.40
N LYS C 10 16.07 8.85 16.65
CA LYS C 10 14.86 8.51 17.37
C LYS C 10 13.75 9.51 17.17
N ALA C 11 13.96 10.56 16.39
CA ALA C 11 12.86 11.44 16.01
C ALA C 11 12.41 11.17 14.58
N ALA C 12 13.31 10.62 13.77
CA ALA C 12 12.94 10.17 12.43
C ALA C 12 11.96 9.00 12.50
N VAL C 13 12.15 8.10 13.47
CA VAL C 13 11.25 6.96 13.63
C VAL C 13 9.84 7.43 13.97
N GLU C 14 9.72 8.41 14.86
CA GLU C 14 8.40 8.88 15.23
C GLU C 14 7.73 9.65 14.10
N ARG C 15 8.53 10.39 13.32
CA ARG C 15 7.98 11.03 12.14
C ARG C 15 7.43 9.98 11.17
N SER C 16 8.18 8.91 10.94
CA SER C 16 7.71 7.86 10.04
C SER C 16 6.45 7.19 10.57
N LYS C 17 6.33 7.05 11.89
CA LYS C 17 5.15 6.43 12.47
C LYS C 17 3.92 7.31 12.31
N MET C 18 4.08 8.63 12.40
CA MET C 18 2.95 9.51 12.16
C MET C 18 2.54 9.51 10.69
N ILE C 19 3.52 9.41 9.79
CA ILE C 19 3.19 9.24 8.37
C ILE C 19 2.35 7.99 8.19
N ASP C 20 2.75 6.90 8.85
CA ASP C 20 1.99 5.65 8.77
C ASP C 20 0.56 5.82 9.27
N ARG C 21 0.40 6.54 10.37
CA ARG C 21 -0.96 6.78 10.89
C ARG C 21 -1.84 7.49 9.87
N ASN C 22 -1.29 8.52 9.22
CA ASN C 22 -2.11 9.27 8.26
C ASN C 22 -2.45 8.42 7.04
N LEU C 23 -1.48 7.68 6.52
CA LEU C 23 -1.73 6.83 5.36
C LEU C 23 -2.76 5.74 5.67
N ARG C 24 -2.76 5.24 6.90
CA ARG C 24 -3.77 4.26 7.29
C ARG C 24 -5.14 4.88 7.40
N GLU C 25 -5.25 6.02 8.08
CA GLU C 25 -6.55 6.61 8.31
C GLU C 25 -7.16 7.17 7.03
N ASP C 26 -6.35 7.46 6.02
CA ASP C 26 -6.89 7.91 4.75
C ASP C 26 -7.40 6.78 3.89
N GLY C 27 -7.00 5.54 4.15
CA GLY C 27 -7.45 4.40 3.39
C GLY C 27 -8.80 3.86 3.79
N GLU C 28 -9.31 4.25 4.95
CA GLU C 28 -10.65 3.86 5.38
C GLU C 28 -11.73 4.74 4.79
N LYS C 29 -11.38 5.87 4.17
CA LYS C 29 -12.35 6.69 3.48
C LYS C 29 -12.44 6.39 1.99
N ALA C 30 -11.43 5.74 1.43
CA ALA C 30 -11.47 5.33 0.03
C ALA C 30 -12.20 4.02 -0.17
N ALA C 31 -12.25 3.16 0.84
CA ALA C 31 -12.93 1.87 0.76
C ALA C 31 -14.39 1.97 1.16
N ARG C 32 -14.88 3.16 1.46
CA ARG C 32 -16.25 3.36 1.90
C ARG C 32 -17.04 4.21 0.92
N GLU C 33 -16.63 4.21 -0.35
CA GLU C 33 -17.29 4.96 -1.40
C GLU C 33 -17.48 4.06 -2.62
N VAL C 34 -18.51 4.36 -3.40
CA VAL C 34 -18.90 3.58 -4.56
C VAL C 34 -18.32 4.24 -5.80
N LYS C 35 -17.68 3.44 -6.64
CA LYS C 35 -17.05 3.94 -7.85
C LYS C 35 -17.75 3.35 -9.07
N LEU C 36 -18.07 4.21 -10.04
CA LEU C 36 -18.79 3.81 -11.23
C LEU C 36 -18.04 4.30 -12.46
N LEU C 37 -18.09 3.53 -13.54
CA LEU C 37 -17.45 3.92 -14.78
C LEU C 37 -18.52 4.13 -15.85
N LEU C 38 -18.52 5.31 -16.48
CA LEU C 38 -19.62 5.71 -17.36
C LEU C 38 -19.21 5.61 -18.82
N LEU C 39 -19.99 4.89 -19.62
CA LEU C 39 -19.68 4.65 -21.02
C LEU C 39 -20.91 4.90 -21.90
N GLY C 40 -20.61 5.21 -23.15
CA GLY C 40 -21.63 5.52 -24.13
C GLY C 40 -21.00 5.74 -25.48
N ALA C 41 -21.81 6.20 -26.43
CA ALA C 41 -21.37 6.37 -27.81
C ALA C 41 -21.50 7.82 -28.28
N GLY C 42 -21.08 8.78 -27.46
CA GLY C 42 -21.13 10.17 -27.84
C GLY C 42 -22.43 10.83 -27.44
N GLU C 43 -23.30 11.13 -28.41
CA GLU C 43 -24.63 11.66 -28.14
C GLU C 43 -25.60 10.51 -27.84
N SER C 44 -25.27 9.78 -26.77
CA SER C 44 -26.08 8.67 -26.28
C SER C 44 -26.87 9.03 -25.04
N GLY C 45 -26.99 10.31 -24.72
CA GLY C 45 -27.66 10.75 -23.52
C GLY C 45 -26.83 10.72 -22.26
N LYS C 46 -25.52 10.50 -22.37
CA LYS C 46 -24.67 10.53 -21.19
C LYS C 46 -24.73 11.89 -20.50
N ASN C 47 -24.81 12.96 -21.28
CA ASN C 47 -24.86 14.29 -20.69
C ASN C 47 -26.12 14.48 -19.86
N THR C 48 -27.28 14.08 -20.37
CA THR C 48 -28.50 14.25 -19.59
C THR C 48 -28.58 13.27 -18.43
N ILE C 49 -28.02 12.07 -18.58
CA ILE C 49 -28.05 11.13 -17.48
C ILE C 49 -27.18 11.64 -16.34
N VAL C 50 -26.08 12.34 -16.67
CA VAL C 50 -25.32 13.05 -15.65
C VAL C 50 -26.12 14.21 -15.08
N LYS C 51 -26.79 14.96 -15.96
CA LYS C 51 -27.55 16.13 -15.52
C LYS C 51 -28.60 15.78 -14.48
N GLN C 52 -29.18 14.59 -14.60
CA GLN C 52 -30.19 14.18 -13.62
C GLN C 52 -29.56 13.79 -12.30
N MET C 53 -28.24 13.58 -12.29
CA MET C 53 -27.51 13.14 -11.10
C MET C 53 -26.42 14.14 -10.71
N LYS C 54 -26.34 15.26 -11.41
CA LYS C 54 -25.35 16.29 -11.15
C LYS C 54 -25.56 16.92 -9.77
N ILE C 55 -24.45 17.13 -9.07
CA ILE C 55 -24.47 17.69 -7.72
C ILE C 55 -24.79 19.17 -7.72
N GLY C 183 -9.01 16.01 -19.67
CA GLY C 183 -8.84 14.57 -19.63
C GLY C 183 -10.04 13.85 -19.07
N ILE C 184 -9.81 12.94 -18.14
CA ILE C 184 -10.89 12.20 -17.50
C ILE C 184 -11.66 13.18 -16.62
N VAL C 185 -12.98 13.01 -16.59
CA VAL C 185 -13.86 13.88 -15.81
C VAL C 185 -14.45 13.07 -14.67
N GLU C 186 -14.58 13.71 -13.51
CA GLU C 186 -15.03 13.03 -12.30
C GLU C 186 -16.24 13.77 -11.71
N THR C 187 -17.31 13.02 -11.47
CA THR C 187 -18.50 13.57 -10.86
C THR C 187 -18.74 12.82 -9.55
N HIS C 188 -19.34 13.48 -8.57
CA HIS C 188 -19.62 12.83 -7.31
C HIS C 188 -20.96 13.30 -6.77
N PHE C 189 -21.70 12.41 -6.14
CA PHE C 189 -23.01 12.74 -5.59
C PHE C 189 -23.30 11.83 -4.40
N THR C 190 -24.44 12.08 -3.77
CA THR C 190 -24.80 11.39 -2.53
C THR C 190 -26.29 11.13 -2.51
N PHE C 191 -26.67 9.96 -1.99
CA PHE C 191 -28.06 9.52 -1.96
C PHE C 191 -28.19 8.48 -0.85
N LYS C 192 -29.07 8.73 0.12
CA LYS C 192 -29.34 7.80 1.22
C LYS C 192 -28.07 7.48 2.00
N ASP C 193 -27.22 8.50 2.17
CA ASP C 193 -25.95 8.36 2.87
C ASP C 193 -25.05 7.31 2.21
N LEU C 194 -24.68 7.58 0.96
CA LEU C 194 -23.77 6.71 0.22
C LEU C 194 -23.10 7.55 -0.86
N HIS C 195 -21.78 7.59 -0.84
CA HIS C 195 -21.01 8.49 -1.71
C HIS C 195 -20.71 7.79 -3.02
N PHE C 196 -21.06 8.43 -4.13
CA PHE C 196 -20.88 7.87 -5.46
C PHE C 196 -19.92 8.74 -6.25
N LYS C 197 -19.03 8.10 -7.01
CA LYS C 197 -18.10 8.80 -7.89
C LYS C 197 -18.13 8.17 -9.27
N MET C 198 -18.57 8.95 -10.26
CA MET C 198 -18.60 8.54 -11.66
C MET C 198 -17.35 9.03 -12.37
N PHE C 199 -16.73 8.14 -13.11
CA PHE C 199 -15.58 8.48 -13.93
C PHE C 199 -15.98 8.39 -15.40
N ASP C 200 -15.80 9.48 -16.12
CA ASP C 200 -16.19 9.60 -17.52
C ASP C 200 -14.94 9.84 -18.35
N VAL C 201 -14.72 8.99 -19.35
CA VAL C 201 -13.47 8.96 -20.09
C VAL C 201 -13.72 9.19 -21.58
N GLY C 202 -14.75 9.97 -21.91
CA GLY C 202 -15.14 10.11 -23.30
C GLY C 202 -14.27 11.01 -24.15
N ALA C 203 -13.33 11.73 -23.53
CA ALA C 203 -12.48 12.67 -24.26
C ALA C 203 -11.07 12.13 -24.52
N GLN C 204 -10.79 10.88 -24.15
CA GLN C 204 -9.42 10.39 -24.22
C GLN C 204 -8.96 10.21 -25.67
N ARG C 205 -9.77 9.54 -26.49
CA ARG C 205 -9.46 9.30 -27.90
C ARG C 205 -8.15 8.55 -28.10
N SER C 206 -7.61 7.95 -27.05
CA SER C 206 -6.38 7.19 -27.12
C SER C 206 -6.71 5.71 -27.27
N GLU C 207 -5.67 4.88 -27.25
CA GLU C 207 -5.84 3.44 -27.35
C GLU C 207 -6.26 2.90 -25.99
N ARG C 208 -7.43 2.26 -25.95
CA ARG C 208 -8.08 1.96 -24.67
C ARG C 208 -7.40 0.81 -23.94
N LYS C 209 -6.61 0.01 -24.65
CA LYS C 209 -5.95 -1.14 -24.02
C LYS C 209 -4.88 -0.75 -23.03
N LYS C 210 -4.46 0.51 -22.99
CA LYS C 210 -3.38 0.96 -22.11
C LYS C 210 -3.86 1.49 -20.77
N TRP C 211 -5.12 1.90 -20.65
CA TRP C 211 -5.57 2.46 -19.39
C TRP C 211 -6.89 1.87 -18.92
N ILE C 212 -7.42 0.84 -19.59
CA ILE C 212 -8.67 0.25 -19.14
C ILE C 212 -8.50 -0.53 -17.85
N HIS C 213 -7.28 -1.00 -17.55
CA HIS C 213 -7.05 -1.77 -16.33
C HIS C 213 -6.88 -0.92 -15.09
N CYS C 214 -6.88 0.41 -15.23
CA CYS C 214 -6.89 1.27 -14.06
C CYS C 214 -8.22 1.18 -13.33
N PHE C 215 -9.30 0.87 -14.03
CA PHE C 215 -10.64 0.79 -13.44
C PHE C 215 -11.05 -0.64 -13.16
N GLU C 216 -10.09 -1.47 -12.80
CA GLU C 216 -10.34 -2.88 -12.53
C GLU C 216 -11.22 -3.10 -11.31
N GLY C 217 -11.11 -2.26 -10.28
CA GLY C 217 -11.85 -2.49 -9.07
C GLY C 217 -13.01 -1.53 -8.80
N VAL C 218 -13.71 -1.10 -9.84
CA VAL C 218 -14.91 -0.31 -9.65
C VAL C 218 -16.09 -1.23 -9.34
N THR C 219 -17.14 -0.66 -8.76
CA THR C 219 -18.33 -1.43 -8.44
C THR C 219 -19.14 -1.79 -9.68
N ALA C 220 -19.37 -0.84 -10.59
CA ALA C 220 -20.25 -1.11 -11.72
C ALA C 220 -19.90 -0.22 -12.90
N ILE C 221 -20.42 -0.62 -14.06
CA ILE C 221 -20.26 0.12 -15.31
C ILE C 221 -21.64 0.54 -15.78
N ILE C 222 -21.83 1.84 -15.98
CA ILE C 222 -23.11 2.39 -16.46
C ILE C 222 -22.98 2.64 -17.95
N PHE C 223 -23.80 1.97 -18.75
CA PHE C 223 -23.73 2.08 -20.20
C PHE C 223 -25.01 2.76 -20.66
N CYS C 224 -24.89 3.86 -21.40
CA CYS C 224 -26.04 4.60 -21.90
C CYS C 224 -26.17 4.39 -23.40
N VAL C 225 -27.36 3.97 -23.86
CA VAL C 225 -27.63 3.77 -25.28
C VAL C 225 -28.91 4.49 -25.65
N ALA C 226 -28.84 5.32 -26.68
CA ALA C 226 -30.00 6.08 -27.13
C ALA C 226 -30.72 5.30 -28.22
N LEU C 227 -31.97 4.92 -27.96
CA LEU C 227 -32.74 4.13 -28.89
C LEU C 227 -33.62 4.95 -29.80
N SER C 228 -33.45 6.27 -29.80
CA SER C 228 -33.98 7.13 -30.85
C SER C 228 -33.05 7.18 -32.05
N ASP C 229 -32.10 6.26 -32.13
CA ASP C 229 -31.11 6.24 -33.19
C ASP C 229 -31.17 4.98 -34.03
N TYR C 230 -32.34 4.35 -34.13
CA TYR C 230 -32.47 3.20 -35.02
C TYR C 230 -32.60 3.64 -36.47
N ASP C 231 -32.88 4.93 -36.68
CA ASP C 231 -33.03 5.45 -38.04
C ASP C 231 -31.78 6.21 -38.50
N LEU C 232 -31.05 6.82 -37.57
CA LEU C 232 -29.90 7.63 -37.93
C LEU C 232 -28.75 6.72 -38.39
N VAL C 233 -27.98 7.20 -39.36
CA VAL C 233 -26.89 6.43 -39.94
C VAL C 233 -25.57 7.14 -39.62
N LEU C 234 -24.60 6.36 -39.15
CA LEU C 234 -23.38 6.94 -38.61
C LEU C 234 -22.57 7.62 -39.71
N ALA C 235 -21.89 8.71 -39.35
CA ALA C 235 -21.28 9.58 -40.34
C ALA C 235 -20.10 8.91 -41.06
N GLU C 236 -19.18 8.32 -40.28
CA GLU C 236 -17.88 7.95 -40.83
C GLU C 236 -18.01 6.90 -41.93
N ASP C 237 -18.90 5.93 -41.73
CA ASP C 237 -19.22 4.93 -42.75
C ASP C 237 -20.74 4.84 -42.82
N GLU C 238 -21.33 5.47 -43.83
CA GLU C 238 -22.78 5.69 -43.87
C GLU C 238 -23.58 4.40 -43.85
N GLU C 239 -22.99 3.27 -44.24
CA GLU C 239 -23.73 2.02 -44.33
C GLU C 239 -24.21 1.57 -42.96
N MET C 240 -23.33 1.56 -41.97
CA MET C 240 -23.62 1.00 -40.66
C MET C 240 -24.14 2.08 -39.72
N ASN C 241 -25.36 1.87 -39.23
CA ASN C 241 -26.07 2.84 -38.42
C ASN C 241 -25.66 2.74 -36.96
N ARG C 242 -25.99 3.78 -36.21
CA ARG C 242 -25.37 4.04 -34.91
C ARG C 242 -25.62 2.94 -33.88
N MET C 243 -26.83 2.38 -33.82
CA MET C 243 -27.11 1.36 -32.82
C MET C 243 -26.21 0.14 -33.01
N HIS C 244 -25.78 -0.12 -34.25
CA HIS C 244 -24.84 -1.19 -34.47
C HIS C 244 -23.50 -0.89 -33.81
N ALA C 245 -23.06 0.37 -33.87
CA ALA C 245 -21.85 0.77 -33.14
C ALA C 245 -22.06 0.64 -31.64
N SER C 246 -23.26 0.98 -31.15
CA SER C 246 -23.53 0.86 -29.72
C SER C 246 -23.45 -0.59 -29.27
N MET C 247 -23.99 -1.52 -30.07
CA MET C 247 -23.90 -2.94 -29.71
C MET C 247 -22.47 -3.44 -29.82
N LYS C 248 -21.70 -2.90 -30.77
CA LYS C 248 -20.29 -3.25 -30.83
C LYS C 248 -19.56 -2.82 -29.56
N LEU C 249 -19.84 -1.62 -29.06
CA LEU C 249 -19.13 -1.13 -27.88
C LEU C 249 -19.57 -1.88 -26.62
N PHE C 250 -20.86 -2.20 -26.52
CA PHE C 250 -21.33 -3.01 -25.39
C PHE C 250 -20.69 -4.38 -25.40
N ASP C 251 -20.61 -5.01 -26.58
CA ASP C 251 -20.02 -6.35 -26.66
C ASP C 251 -18.51 -6.31 -26.47
N SER C 252 -17.89 -5.15 -26.68
CA SER C 252 -16.45 -5.07 -26.46
C SER C 252 -16.12 -4.83 -24.99
N ILE C 253 -16.91 -4.00 -24.30
CA ILE C 253 -16.63 -3.73 -22.89
C ILE C 253 -17.21 -4.78 -21.95
N CYS C 254 -18.21 -5.55 -22.38
CA CYS C 254 -18.82 -6.56 -21.53
C CYS C 254 -17.93 -7.77 -21.30
N ASN C 255 -17.14 -8.17 -22.30
CA ASN C 255 -16.37 -9.41 -22.23
C ASN C 255 -14.88 -9.16 -22.03
N ASN C 256 -14.52 -8.02 -21.43
CA ASN C 256 -13.12 -7.73 -21.15
C ASN C 256 -12.59 -8.61 -20.02
N LYS C 257 -11.29 -8.93 -20.10
CA LYS C 257 -10.66 -9.72 -19.06
C LYS C 257 -10.64 -9.01 -17.71
N TRP C 258 -10.55 -7.68 -17.70
CA TRP C 258 -10.48 -6.92 -16.47
C TRP C 258 -11.82 -6.78 -15.78
N PHE C 259 -12.93 -7.02 -16.49
CA PHE C 259 -14.26 -6.85 -15.93
C PHE C 259 -15.04 -8.14 -15.93
N THR C 260 -14.41 -9.26 -15.55
CA THR C 260 -15.08 -10.54 -15.56
C THR C 260 -16.08 -10.71 -14.42
N ASP C 261 -16.00 -9.88 -13.38
CA ASP C 261 -16.85 -10.01 -12.21
C ASP C 261 -17.52 -8.69 -11.90
N THR C 262 -17.72 -7.86 -12.92
CA THR C 262 -18.27 -6.51 -12.76
C THR C 262 -19.65 -6.48 -13.38
N SER C 263 -20.56 -5.76 -12.76
CA SER C 263 -21.92 -5.69 -13.28
C SER C 263 -22.14 -4.43 -14.10
N ILE C 264 -23.11 -4.51 -15.00
CA ILE C 264 -23.36 -3.48 -15.99
C ILE C 264 -24.81 -3.02 -15.83
N ILE C 265 -24.97 -1.72 -15.61
CA ILE C 265 -26.28 -1.09 -15.51
C ILE C 265 -26.54 -0.38 -16.82
N LEU C 266 -27.61 -0.75 -17.50
CA LEU C 266 -27.86 -0.34 -18.87
C LEU C 266 -29.06 0.61 -18.91
N PHE C 267 -28.87 1.80 -19.48
CA PHE C 267 -29.94 2.78 -19.64
C PHE C 267 -30.30 2.88 -21.12
N LEU C 268 -31.60 2.84 -21.40
CA LEU C 268 -32.13 2.98 -22.74
C LEU C 268 -32.83 4.33 -22.84
N ASN C 269 -32.32 5.19 -23.71
CA ASN C 269 -32.56 6.62 -23.66
C ASN C 269 -33.46 7.07 -24.80
N LYS C 270 -34.05 8.25 -24.60
CA LYS C 270 -34.84 8.94 -25.63
C LYS C 270 -35.98 8.06 -26.14
N LYS C 271 -36.61 7.33 -25.22
CA LYS C 271 -37.76 6.52 -25.60
C LYS C 271 -38.99 7.36 -25.89
N ASP C 272 -38.97 8.65 -25.54
CA ASP C 272 -40.03 9.55 -26.00
C ASP C 272 -40.05 9.62 -27.52
N LEU C 273 -38.94 10.03 -28.13
CA LEU C 273 -38.90 10.23 -29.57
C LEU C 273 -39.01 8.92 -30.33
N PHE C 274 -38.63 7.81 -29.70
CA PHE C 274 -38.82 6.51 -30.32
C PHE C 274 -40.28 6.25 -30.63
N GLU C 275 -41.18 6.72 -29.76
CA GLU C 275 -42.60 6.45 -29.95
C GLU C 275 -43.16 7.18 -31.17
N GLU C 276 -42.69 8.40 -31.43
CA GLU C 276 -43.11 9.06 -32.67
C GLU C 276 -42.38 8.52 -33.88
N LYS C 277 -41.12 8.10 -33.73
CA LYS C 277 -40.35 7.67 -34.90
C LYS C 277 -40.65 6.23 -35.28
N ILE C 278 -41.36 5.48 -34.44
CA ILE C 278 -41.59 4.07 -34.74
C ILE C 278 -42.86 3.89 -35.56
N LYS C 279 -43.83 4.78 -35.39
CA LYS C 279 -45.11 4.59 -36.06
C LYS C 279 -45.02 4.87 -37.55
N LYS C 280 -44.37 5.97 -37.95
CA LYS C 280 -44.24 6.28 -39.37
C LYS C 280 -43.28 5.31 -40.05
N SER C 281 -42.14 5.05 -39.44
CA SER C 281 -41.09 4.23 -40.02
C SER C 281 -40.88 2.98 -39.18
N PRO C 282 -41.01 1.80 -39.78
CA PRO C 282 -40.78 0.56 -39.04
C PRO C 282 -39.32 0.41 -38.63
N LEU C 283 -39.11 -0.32 -37.54
CA LEU C 283 -37.76 -0.69 -37.13
C LEU C 283 -37.18 -1.81 -37.97
N THR C 284 -37.85 -2.19 -39.06
CA THR C 284 -37.28 -3.15 -39.99
C THR C 284 -36.06 -2.60 -40.72
N ILE C 285 -35.90 -1.27 -40.78
CA ILE C 285 -34.75 -0.70 -41.45
C ILE C 285 -33.46 -1.14 -40.78
N CYS C 286 -33.41 -1.09 -39.45
CA CYS C 286 -32.27 -1.64 -38.73
C CYS C 286 -32.43 -3.12 -38.43
N TYR C 287 -33.68 -3.59 -38.31
CA TYR C 287 -33.97 -4.97 -37.96
C TYR C 287 -34.87 -5.59 -39.02
N PRO C 288 -34.32 -5.89 -40.20
CA PRO C 288 -35.15 -6.57 -41.22
C PRO C 288 -35.65 -7.94 -40.78
N GLU C 289 -34.91 -8.63 -39.92
CA GLU C 289 -35.27 -9.96 -39.44
C GLU C 289 -36.30 -9.89 -38.31
N TYR C 290 -36.93 -8.75 -38.11
CA TYR C 290 -37.91 -8.56 -37.04
C TYR C 290 -39.31 -8.62 -37.64
N ALA C 291 -40.10 -9.59 -37.19
CA ALA C 291 -41.48 -9.75 -37.63
C ALA C 291 -42.40 -9.40 -36.48
N GLY C 292 -42.82 -8.14 -36.44
CA GLY C 292 -43.75 -7.68 -35.43
C GLY C 292 -44.82 -6.80 -36.05
N SER C 293 -45.42 -5.92 -35.25
CA SER C 293 -46.42 -4.98 -35.74
C SER C 293 -45.96 -3.53 -35.63
N ASN C 294 -44.67 -3.30 -35.38
CA ASN C 294 -44.12 -1.95 -35.20
C ASN C 294 -44.80 -1.24 -34.03
N THR C 295 -45.18 -2.02 -33.01
CA THR C 295 -45.82 -1.50 -31.83
C THR C 295 -44.77 -1.23 -30.76
N TYR C 296 -45.01 -0.16 -30.00
CA TYR C 296 -43.98 0.39 -29.12
C TYR C 296 -43.48 -0.63 -28.12
N GLU C 297 -44.40 -1.32 -27.44
CA GLU C 297 -44.02 -2.19 -26.34
C GLU C 297 -43.13 -3.34 -26.80
N GLU C 298 -43.59 -4.07 -27.83
CA GLU C 298 -42.84 -5.25 -28.24
C GLU C 298 -41.57 -4.89 -28.99
N ALA C 299 -41.56 -3.75 -29.68
CA ALA C 299 -40.32 -3.28 -30.31
C ALA C 299 -39.27 -2.97 -29.26
N ALA C 300 -39.66 -2.26 -28.20
CA ALA C 300 -38.73 -1.98 -27.12
C ALA C 300 -38.27 -3.27 -26.44
N ALA C 301 -39.19 -4.21 -26.24
CA ALA C 301 -38.82 -5.48 -25.62
C ALA C 301 -37.83 -6.26 -26.48
N TYR C 302 -38.03 -6.26 -27.79
CA TYR C 302 -37.08 -6.92 -28.68
C TYR C 302 -35.71 -6.26 -28.60
N ILE C 303 -35.67 -4.93 -28.54
CA ILE C 303 -34.38 -4.25 -28.44
C ILE C 303 -33.68 -4.59 -27.12
N GLN C 304 -34.43 -4.60 -26.01
CA GLN C 304 -33.83 -4.87 -24.70
C GLN C 304 -33.32 -6.30 -24.61
N CYS C 305 -34.07 -7.26 -25.16
CA CYS C 305 -33.57 -8.63 -25.21
C CYS C 305 -32.36 -8.75 -26.13
N GLN C 306 -32.36 -8.01 -27.23
CA GLN C 306 -31.23 -8.07 -28.15
C GLN C 306 -29.95 -7.56 -27.50
N PHE C 307 -30.04 -6.49 -26.71
CA PHE C 307 -28.88 -6.06 -25.94
C PHE C 307 -28.48 -7.09 -24.89
N GLU C 308 -29.42 -7.56 -24.06
CA GLU C 308 -29.03 -8.48 -23.00
C GLU C 308 -28.58 -9.85 -23.52
N ASP C 309 -28.74 -10.13 -24.81
CA ASP C 309 -28.20 -11.36 -25.36
C ASP C 309 -26.72 -11.30 -25.68
N LEU C 310 -26.08 -10.13 -25.57
CA LEU C 310 -24.65 -10.03 -25.87
C LEU C 310 -23.76 -10.57 -24.76
N ASN C 311 -24.29 -10.78 -23.56
CA ASN C 311 -23.47 -11.26 -22.46
C ASN C 311 -23.03 -12.69 -22.73
N LYS C 312 -21.82 -13.04 -22.27
CA LYS C 312 -21.27 -14.37 -22.45
C LYS C 312 -20.65 -14.94 -21.18
N ARG C 313 -20.86 -14.31 -20.03
CA ARG C 313 -20.40 -14.85 -18.75
C ARG C 313 -21.51 -15.63 -18.06
N LYS C 314 -22.65 -14.98 -17.81
CA LYS C 314 -23.92 -15.58 -17.41
C LYS C 314 -23.89 -16.20 -16.02
N ASP C 315 -22.77 -16.19 -15.31
CA ASP C 315 -22.71 -16.82 -14.00
C ASP C 315 -22.17 -15.86 -12.95
N THR C 316 -21.18 -15.04 -13.33
CA THR C 316 -20.55 -14.09 -12.43
C THR C 316 -20.86 -12.65 -12.81
N LYS C 317 -21.92 -12.43 -13.58
CA LYS C 317 -22.17 -11.12 -14.17
C LYS C 317 -23.66 -10.97 -14.41
N GLU C 318 -24.20 -9.80 -14.08
CA GLU C 318 -25.61 -9.51 -14.30
C GLU C 318 -25.74 -8.16 -14.98
N ILE C 319 -26.81 -8.00 -15.75
CA ILE C 319 -27.10 -6.78 -16.49
C ILE C 319 -28.44 -6.27 -16.02
N TYR C 320 -28.47 -5.03 -15.53
CA TYR C 320 -29.69 -4.37 -15.11
C TYR C 320 -30.10 -3.37 -16.17
N THR C 321 -31.33 -3.49 -16.68
CA THR C 321 -31.78 -2.68 -17.80
C THR C 321 -32.97 -1.83 -17.40
N HIS C 322 -32.92 -0.57 -17.81
CA HIS C 322 -33.94 0.40 -17.41
C HIS C 322 -34.32 1.23 -18.61
N PHE C 323 -35.59 1.63 -18.66
CA PHE C 323 -36.12 2.49 -19.71
C PHE C 323 -36.30 3.88 -19.14
N THR C 324 -35.73 4.88 -19.80
CA THR C 324 -35.66 6.23 -19.25
C THR C 324 -35.84 7.27 -20.34
N CYS C 325 -36.60 8.31 -20.01
CA CYS C 325 -36.75 9.46 -20.93
C CYS C 325 -37.06 10.69 -20.07
N SER C 326 -36.03 11.49 -19.78
CA SER C 326 -36.15 12.67 -18.93
C SER C 326 -36.95 12.40 -17.66
N THR C 327 -36.85 11.19 -17.13
CA THR C 327 -37.59 10.78 -15.94
C THR C 327 -36.77 11.11 -14.69
N ASP C 328 -37.48 11.45 -13.61
CA ASP C 328 -36.85 11.98 -12.42
C ASP C 328 -36.79 10.93 -11.31
N THR C 329 -35.61 10.84 -10.69
CA THR C 329 -35.36 10.10 -9.46
C THR C 329 -35.52 8.58 -9.66
N LYS C 330 -35.98 8.16 -10.83
CA LYS C 330 -36.03 6.74 -11.12
C LYS C 330 -34.66 6.20 -11.50
N ASN C 331 -33.86 7.02 -12.17
CA ASN C 331 -32.49 6.63 -12.49
C ASN C 331 -31.65 6.49 -11.23
N VAL C 332 -31.75 7.45 -10.32
CA VAL C 332 -30.97 7.40 -9.08
C VAL C 332 -31.38 6.20 -8.23
N GLN C 333 -32.69 5.98 -8.08
CA GLN C 333 -33.17 4.85 -7.31
C GLN C 333 -32.76 3.53 -7.93
N PHE C 334 -32.83 3.45 -9.27
CA PHE C 334 -32.39 2.24 -9.95
C PHE C 334 -30.91 1.95 -9.70
N VAL C 335 -30.08 3.00 -9.77
CA VAL C 335 -28.65 2.81 -9.53
C VAL C 335 -28.40 2.38 -8.09
N PHE C 336 -29.10 3.00 -7.14
CA PHE C 336 -28.93 2.64 -5.73
C PHE C 336 -29.30 1.19 -5.49
N ASP C 337 -30.43 0.74 -6.04
CA ASP C 337 -30.87 -0.64 -5.85
C ASP C 337 -29.89 -1.63 -6.46
N ALA C 338 -29.43 -1.34 -7.68
CA ALA C 338 -28.51 -2.25 -8.36
C ALA C 338 -27.17 -2.35 -7.61
N VAL C 339 -26.67 -1.22 -7.11
CA VAL C 339 -25.41 -1.22 -6.37
C VAL C 339 -25.58 -1.93 -5.03
N THR C 340 -26.74 -1.77 -4.41
CA THR C 340 -27.00 -2.50 -3.17
C THR C 340 -26.95 -4.00 -3.40
N ASP C 341 -27.54 -4.48 -4.50
CA ASP C 341 -27.47 -5.91 -4.79
C ASP C 341 -26.02 -6.35 -5.06
N VAL C 342 -25.28 -5.54 -5.81
CA VAL C 342 -23.88 -5.87 -6.10
C VAL C 342 -23.09 -6.02 -4.81
N ILE C 343 -23.24 -5.06 -3.90
CA ILE C 343 -22.46 -5.07 -2.66
C ILE C 343 -22.92 -6.19 -1.74
N ILE C 344 -24.23 -6.48 -1.73
CA ILE C 344 -24.71 -7.61 -0.93
C ILE C 344 -24.07 -8.90 -1.37
N LYS C 345 -24.03 -9.14 -2.69
CA LYS C 345 -23.43 -10.39 -3.16
C LYS C 345 -21.92 -10.41 -2.89
N ASN C 346 -21.26 -9.25 -3.03
CA ASN C 346 -19.83 -9.20 -2.76
C ASN C 346 -19.52 -9.54 -1.31
N ASN C 347 -20.30 -9.00 -0.38
CA ASN C 347 -20.11 -9.33 1.03
C ASN C 347 -20.36 -10.81 1.27
N LEU C 348 -21.40 -11.37 0.64
CA LEU C 348 -21.73 -12.77 0.89
C LEU C 348 -20.61 -13.68 0.39
N LYS C 349 -19.97 -13.32 -0.72
CA LYS C 349 -18.83 -14.09 -1.22
C LYS C 349 -17.58 -13.93 -0.36
N ASP C 350 -17.42 -12.78 0.29
CA ASP C 350 -16.22 -12.48 1.05
C ASP C 350 -15.96 -13.46 2.19
N CYS C 351 -17.00 -14.07 2.76
CA CYS C 351 -16.86 -14.97 3.89
C CYS C 351 -16.78 -16.43 3.48
N GLY C 352 -16.83 -16.73 2.18
CA GLY C 352 -16.82 -18.09 1.69
C GLY C 352 -18.19 -18.74 1.59
N LEU C 353 -19.25 -18.04 1.99
CA LEU C 353 -20.58 -18.65 1.95
C LEU C 353 -21.13 -18.67 0.53
N PHE C 354 -20.86 -17.63 -0.26
CA PHE C 354 -21.35 -17.55 -1.64
C PHE C 354 -20.39 -18.30 -2.55
N VAL D 2 8.02 33.64 7.67
CA VAL D 2 8.25 32.74 8.79
C VAL D 2 8.75 33.50 10.01
N GLN D 3 8.13 33.27 11.15
CA GLN D 3 8.47 34.01 12.35
C GLN D 3 7.88 33.34 13.58
N LEU D 4 8.60 33.49 14.70
CA LEU D 4 8.21 33.02 16.02
C LEU D 4 8.22 34.20 16.97
N VAL D 5 7.14 34.41 17.71
CA VAL D 5 7.02 35.55 18.62
C VAL D 5 6.82 35.02 20.03
N GLU D 6 7.79 35.26 20.91
CA GLU D 6 7.70 34.84 22.30
C GLU D 6 7.12 35.96 23.16
N SER D 7 6.48 35.56 24.26
CA SER D 7 6.00 36.51 25.26
C SER D 7 5.90 35.78 26.61
N GLY D 8 5.88 36.58 27.68
CA GLY D 8 5.64 36.04 29.00
C GLY D 8 6.66 36.42 30.05
N GLY D 9 7.71 37.13 29.67
CA GLY D 9 8.79 37.42 30.58
C GLY D 9 8.52 38.61 31.46
N GLY D 10 9.41 38.83 32.42
CA GLY D 10 9.31 39.98 33.30
C GLY D 10 9.85 39.66 34.67
N LEU D 11 9.66 40.62 35.58
CA LEU D 11 10.16 40.50 36.93
C LEU D 11 9.20 39.69 37.79
N VAL D 12 9.69 38.60 38.35
CA VAL D 12 8.87 37.66 39.12
C VAL D 12 9.34 37.67 40.56
N GLN D 13 8.45 37.27 41.47
CA GLN D 13 8.79 37.14 42.87
C GLN D 13 9.68 35.93 43.08
N PRO D 14 10.47 35.92 44.18
CA PRO D 14 11.43 34.82 44.40
C PRO D 14 10.80 33.43 44.32
N GLY D 15 9.81 33.15 45.16
CA GLY D 15 9.05 31.93 45.06
C GLY D 15 7.77 32.16 44.29
N GLY D 16 7.68 31.61 43.09
CA GLY D 16 6.53 31.88 42.25
C GLY D 16 6.48 30.92 41.08
N SER D 17 5.62 31.26 40.13
CA SER D 17 5.41 30.50 38.91
C SER D 17 5.27 31.48 37.74
N ARG D 18 5.34 30.94 36.52
CA ARG D 18 5.18 31.79 35.35
C ARG D 18 4.83 30.92 34.15
N LYS D 19 4.41 31.58 33.07
CA LYS D 19 3.94 30.90 31.87
C LYS D 19 4.48 31.69 30.68
N LEU D 20 5.12 31.00 29.75
CA LEU D 20 5.74 31.63 28.59
C LEU D 20 5.16 31.01 27.33
N SER D 21 4.78 31.84 26.38
CA SER D 21 4.22 31.34 25.13
C SER D 21 5.05 31.82 23.96
N CYS D 22 4.96 31.11 22.84
CA CYS D 22 5.38 31.61 21.55
C CYS D 22 4.31 31.29 20.53
N SER D 23 4.08 32.22 19.61
CA SER D 23 3.18 32.06 18.48
C SER D 23 4.01 31.88 17.22
N ALA D 24 3.72 30.82 16.48
CA ALA D 24 4.41 30.52 15.23
C ALA D 24 3.51 30.92 14.08
N SER D 25 3.99 31.84 13.24
CA SER D 25 3.24 32.25 12.06
C SER D 25 4.16 32.21 10.85
N GLY D 26 3.71 31.57 9.78
CA GLY D 26 4.44 31.54 8.55
C GLY D 26 4.89 30.17 8.08
N PHE D 27 4.65 29.10 8.83
CA PHE D 27 5.08 27.77 8.37
C PHE D 27 4.14 26.72 8.98
N ALA D 28 4.51 25.46 8.79
CA ALA D 28 3.71 24.31 9.22
C ALA D 28 4.13 23.90 10.62
N PHE D 29 3.59 24.61 11.62
CA PHE D 29 3.97 24.39 13.01
C PHE D 29 3.74 22.96 13.47
N SER D 30 2.81 22.24 12.86
CA SER D 30 2.43 20.91 13.31
C SER D 30 3.43 19.83 12.93
N SER D 31 4.58 20.18 12.37
CA SER D 31 5.58 19.19 12.00
C SER D 31 6.98 19.61 12.43
N PHE D 32 7.09 20.31 13.55
CA PHE D 32 8.36 20.83 14.05
C PHE D 32 8.47 20.47 15.53
N GLY D 33 9.60 19.90 15.93
CA GLY D 33 9.90 19.80 17.34
C GLY D 33 10.44 21.10 17.89
N MET D 34 10.15 21.35 19.16
CA MET D 34 10.41 22.67 19.73
C MET D 34 11.19 22.56 21.04
N HIS D 35 12.19 23.43 21.17
CA HIS D 35 13.11 23.48 22.30
C HIS D 35 12.96 24.83 22.98
N TRP D 36 13.23 24.86 24.29
CA TRP D 36 13.49 26.12 25.01
C TRP D 36 14.94 26.14 25.45
N VAL D 37 15.55 27.33 25.46
CA VAL D 37 16.99 27.47 25.71
C VAL D 37 17.26 28.72 26.54
N ARG D 38 17.94 28.57 27.68
CA ARG D 38 18.30 29.72 28.51
C ARG D 38 19.50 30.46 27.94
N GLN D 39 19.74 31.65 28.45
CA GLN D 39 21.07 32.27 28.40
C GLN D 39 21.14 33.30 29.50
N ALA D 40 22.12 33.16 30.40
CA ALA D 40 22.30 34.12 31.47
C ALA D 40 23.04 35.35 30.94
N PRO D 41 22.85 36.51 31.58
CA PRO D 41 23.59 37.72 31.18
C PRO D 41 25.09 37.51 31.33
N GLU D 42 25.84 37.95 30.32
CA GLU D 42 27.31 37.89 30.32
C GLU D 42 27.80 36.48 30.63
N LYS D 43 27.15 35.50 30.00
CA LYS D 43 27.44 34.09 30.27
C LYS D 43 26.95 33.30 29.05
N GLY D 44 27.17 32.00 29.06
CA GLY D 44 26.74 31.16 27.96
C GLY D 44 25.25 30.94 27.96
N LEU D 45 24.82 30.03 27.09
CA LEU D 45 23.41 29.69 26.95
C LEU D 45 23.23 28.19 27.11
N GLU D 46 22.26 27.77 27.93
CA GLU D 46 22.05 26.36 28.23
C GLU D 46 20.61 25.94 28.03
N TRP D 47 20.44 24.72 27.57
CA TRP D 47 19.17 24.18 27.10
C TRP D 47 18.20 23.92 28.25
N VAL D 48 16.89 23.89 27.93
CA VAL D 48 15.83 23.78 28.92
C VAL D 48 15.01 22.49 28.74
N ALA D 49 14.37 22.34 27.59
CA ALA D 49 13.41 21.26 27.43
C ALA D 49 13.07 21.10 25.95
N TYR D 50 12.48 19.95 25.64
CA TYR D 50 12.19 19.57 24.26
C TYR D 50 10.90 18.79 24.17
N ILE D 51 10.02 19.21 23.26
CA ILE D 51 8.80 18.47 22.92
C ILE D 51 8.80 18.20 21.42
N SER D 52 8.50 16.97 21.04
CA SER D 52 8.57 16.56 19.64
C SER D 52 7.25 16.78 18.93
N SER D 53 7.30 16.62 17.60
CA SER D 53 6.10 16.77 16.78
C SER D 53 5.17 15.59 16.99
N GLY D 54 3.99 15.85 17.53
CA GLY D 54 3.10 14.81 17.98
C GLY D 54 2.92 14.74 19.48
N SER D 55 3.75 15.47 20.24
CA SER D 55 3.63 15.57 21.70
C SER D 55 3.69 14.21 22.37
N GLY D 56 4.51 13.32 21.82
CA GLY D 56 4.70 12.00 22.40
C GLY D 56 5.92 11.88 23.29
N THR D 57 6.99 12.61 22.97
CA THR D 57 8.23 12.60 23.74
C THR D 57 8.46 13.95 24.36
N ILE D 58 8.97 13.97 25.58
CA ILE D 58 9.32 15.20 26.29
C ILE D 58 10.60 14.95 27.06
N TYR D 59 11.53 15.89 26.98
CA TYR D 59 12.76 15.84 27.76
C TYR D 59 12.92 17.15 28.52
N TYR D 60 13.51 17.05 29.72
CA TYR D 60 13.59 18.17 30.65
C TYR D 60 15.05 18.39 31.05
N ALA D 61 15.29 19.52 31.70
CA ALA D 61 16.62 19.88 32.17
C ALA D 61 16.80 19.44 33.62
N ASP D 62 17.88 18.69 33.87
CA ASP D 62 18.08 18.09 35.18
C ASP D 62 18.13 19.13 36.29
N THR D 63 18.44 20.38 35.98
CA THR D 63 18.36 21.44 36.97
C THR D 63 16.93 21.94 37.20
N VAL D 64 16.00 21.58 36.31
CA VAL D 64 14.58 21.90 36.49
C VAL D 64 13.68 20.69 36.31
N LYS D 65 14.25 19.50 36.05
CA LYS D 65 13.48 18.31 35.73
C LYS D 65 12.39 18.08 36.76
N GLY D 66 11.15 18.04 36.29
CA GLY D 66 10.01 17.87 37.16
C GLY D 66 9.56 19.13 37.86
N ARG D 67 10.28 20.24 37.67
CA ARG D 67 9.85 21.53 38.20
C ARG D 67 9.38 22.47 37.11
N PHE D 68 9.48 22.06 35.85
CA PHE D 68 8.97 22.81 34.71
C PHE D 68 7.98 21.93 33.97
N THR D 69 7.28 22.49 32.99
CA THR D 69 6.42 21.71 32.10
C THR D 69 6.30 22.36 30.74
N ILE D 70 6.58 21.60 29.69
CA ILE D 70 6.39 22.07 28.33
C ILE D 70 4.99 21.65 27.88
N SER D 71 4.39 22.44 26.98
CA SER D 71 3.05 22.14 26.51
C SER D 71 2.86 22.73 25.11
N ARG D 72 1.86 22.20 24.40
CA ARG D 72 1.71 22.53 23.00
C ARG D 72 0.23 22.69 22.65
N ASP D 73 -0.07 23.70 21.83
CA ASP D 73 -1.41 23.87 21.24
C ASP D 73 -1.21 23.93 19.74
N ASP D 74 -1.48 22.82 19.07
CA ASP D 74 -1.13 22.61 17.67
C ASP D 74 -2.12 23.27 16.71
N PRO D 75 -3.44 23.18 16.93
CA PRO D 75 -4.36 23.91 16.04
C PRO D 75 -4.09 25.40 15.97
N LYS D 76 -3.84 26.05 17.10
CA LYS D 76 -3.71 27.50 17.15
C LYS D 76 -2.26 27.96 17.09
N ASN D 77 -1.30 27.04 16.96
CA ASN D 77 0.12 27.37 16.83
C ASN D 77 0.62 28.18 18.02
N THR D 78 0.59 27.55 19.21
CA THR D 78 1.03 28.23 20.41
C THR D 78 1.74 27.27 21.35
N LEU D 79 3.03 27.50 21.58
CA LEU D 79 3.86 26.64 22.42
C LEU D 79 4.02 27.28 23.79
N PHE D 80 3.94 26.47 24.85
CA PHE D 80 3.97 26.94 26.22
C PHE D 80 5.11 26.30 27.00
N LEU D 81 5.63 27.06 27.97
CA LEU D 81 6.45 26.56 29.04
C LEU D 81 5.89 27.10 30.35
N GLN D 82 5.80 26.24 31.35
CA GLN D 82 5.24 26.59 32.66
C GLN D 82 6.31 26.35 33.71
N MET D 83 6.70 27.40 34.41
CA MET D 83 7.64 27.33 35.51
C MET D 83 6.84 27.25 36.80
N THR D 84 6.75 26.04 37.36
CA THR D 84 5.89 25.78 38.51
C THR D 84 6.49 26.32 39.80
N SER D 85 7.81 26.41 39.87
CA SER D 85 8.52 26.93 41.02
C SER D 85 9.74 27.71 40.56
N LEU D 86 9.92 28.92 41.08
CA LEU D 86 11.00 29.80 40.66
C LEU D 86 11.92 30.10 41.84
N ARG D 87 13.17 30.46 41.52
CA ARG D 87 14.21 30.63 42.52
C ARG D 87 15.26 31.61 42.01
N SER D 88 16.27 31.86 42.84
CA SER D 88 17.22 32.93 42.57
C SER D 88 17.99 32.72 41.27
N GLU D 89 18.41 31.49 40.98
CA GLU D 89 19.29 31.22 39.86
C GLU D 89 18.54 30.96 38.56
N ASP D 90 17.35 31.55 38.40
CA ASP D 90 16.61 31.45 37.15
C ASP D 90 16.57 32.75 36.37
N THR D 91 17.47 33.68 36.68
CA THR D 91 17.49 34.98 36.01
C THR D 91 18.25 34.86 34.70
N ALA D 92 17.55 34.96 33.58
CA ALA D 92 18.15 34.69 32.29
C ALA D 92 17.26 35.30 31.22
N MET D 93 17.51 34.93 29.97
CA MET D 93 16.58 35.18 28.88
C MET D 93 16.36 33.89 28.11
N TYR D 94 15.10 33.57 27.85
CA TYR D 94 14.71 32.28 27.30
C TYR D 94 14.36 32.42 25.83
N TYR D 95 14.94 31.57 24.99
CA TYR D 95 14.66 31.55 23.57
C TYR D 95 13.95 30.27 23.22
N CYS D 96 13.28 30.28 22.08
CA CYS D 96 12.50 29.16 21.59
C CYS D 96 13.00 28.81 20.20
N VAL D 97 13.41 27.56 20.01
CA VAL D 97 14.02 27.21 18.75
C VAL D 97 13.29 26.02 18.14
N ARG D 98 13.18 26.06 16.82
CA ARG D 98 12.47 25.07 16.02
C ARG D 98 13.45 24.10 15.40
N SER D 99 13.02 22.85 15.20
CA SER D 99 13.91 21.85 14.62
C SER D 99 13.09 20.71 14.04
N ILE D 100 13.56 20.16 12.92
CA ILE D 100 12.93 19.04 12.24
C ILE D 100 13.95 17.94 12.01
N TYR D 101 13.52 16.70 12.22
CA TYR D 101 14.39 15.54 12.15
C TYR D 101 13.87 14.57 11.10
N TYR D 102 14.50 14.59 9.93
CA TYR D 102 14.39 13.55 8.93
C TYR D 102 15.72 13.53 8.21
N TYR D 103 15.95 12.48 7.40
CA TYR D 103 17.27 12.36 6.79
C TYR D 103 17.61 13.59 5.95
N GLY D 104 18.64 14.33 6.37
CA GLY D 104 19.11 15.48 5.64
C GLY D 104 18.65 16.81 6.17
N SER D 105 17.79 16.83 7.19
CA SER D 105 17.29 18.08 7.75
C SER D 105 18.40 18.81 8.49
N SER D 106 18.16 20.07 8.83
CA SER D 106 19.14 20.89 9.52
C SER D 106 18.49 21.51 10.75
N PRO D 107 18.46 20.78 11.87
CA PRO D 107 17.77 21.28 13.05
C PRO D 107 18.38 22.57 13.58
N PHE D 108 17.56 23.31 14.35
CA PHE D 108 17.96 24.58 14.96
C PHE D 108 18.09 25.69 13.91
N ASP D 109 17.26 25.64 12.87
CA ASP D 109 17.23 26.61 11.78
C ASP D 109 16.87 28.03 12.24
N PHE D 110 15.64 28.19 12.68
CA PHE D 110 15.08 29.49 13.01
C PHE D 110 14.99 29.59 14.53
N TRP D 111 15.61 30.61 15.09
CA TRP D 111 15.91 30.60 16.51
C TRP D 111 14.93 31.42 17.33
N GLY D 112 13.93 32.02 16.70
CA GLY D 112 13.03 32.81 17.49
C GLY D 112 13.73 34.07 17.96
N GLN D 113 13.16 34.70 18.98
CA GLN D 113 13.69 35.95 19.49
C GLN D 113 13.81 35.98 21.01
N GLY D 114 13.16 35.08 21.72
CA GLY D 114 13.30 34.96 23.15
C GLY D 114 12.70 36.14 23.90
N THR D 115 12.49 35.94 25.20
CA THR D 115 12.05 36.97 26.11
C THR D 115 12.89 36.93 27.38
N THR D 116 13.23 38.11 27.89
CA THR D 116 14.01 38.22 29.12
C THR D 116 13.14 37.86 30.32
N LEU D 117 13.78 37.36 31.37
CA LEU D 117 13.06 36.91 32.55
C LEU D 117 14.01 37.03 33.74
N THR D 118 13.78 38.02 34.60
CA THR D 118 14.64 38.26 35.74
C THR D 118 13.87 37.97 37.02
N VAL D 119 14.46 37.13 37.87
CA VAL D 119 13.85 36.69 39.12
C VAL D 119 14.41 37.56 40.23
N SER D 120 13.54 37.99 41.15
CA SER D 120 13.98 38.85 42.23
C SER D 120 14.91 38.09 43.17
N SER D 121 15.90 38.81 43.69
CA SER D 121 16.90 38.21 44.57
C SER D 121 16.94 38.92 45.92
N SER D 136 29.17 12.42 34.13
CA SER D 136 27.83 12.17 33.64
C SER D 136 27.60 12.86 32.31
N ASP D 137 27.13 14.11 32.37
CA ASP D 137 26.87 14.89 31.18
C ASP D 137 28.17 15.19 30.43
N ILE D 138 28.09 15.23 29.10
CA ILE D 138 29.24 15.53 28.28
C ILE D 138 29.79 16.90 28.66
N VAL D 139 31.09 17.08 28.49
CA VAL D 139 31.77 18.32 28.85
C VAL D 139 32.16 19.04 27.55
N MET D 140 31.63 20.25 27.38
CA MET D 140 31.97 21.14 26.28
C MET D 140 32.75 22.32 26.82
N THR D 141 33.93 22.57 26.27
CA THR D 141 34.81 23.62 26.77
C THR D 141 35.40 24.45 25.64
N GLN D 142 35.09 25.74 25.64
CA GLN D 142 35.76 26.74 24.81
C GLN D 142 36.76 27.45 25.73
N ALA D 143 38.05 27.20 25.51
CA ALA D 143 39.07 27.73 26.41
C ALA D 143 39.29 29.23 26.23
N THR D 144 39.08 29.77 25.04
CA THR D 144 39.27 31.19 24.80
C THR D 144 38.04 31.96 25.26
N SER D 145 38.24 33.24 25.60
CA SER D 145 37.16 34.12 26.01
C SER D 145 37.00 35.32 25.09
N SER D 146 38.10 35.86 24.57
CA SER D 146 38.03 36.96 23.62
C SER D 146 39.18 36.84 22.62
N VAL D 147 38.98 37.38 21.43
CA VAL D 147 39.97 37.32 20.35
C VAL D 147 40.01 38.66 19.61
N PRO D 148 41.10 39.41 19.68
CA PRO D 148 41.23 40.60 18.82
C PRO D 148 41.85 40.24 17.48
N VAL D 149 41.26 40.75 16.40
CA VAL D 149 41.77 40.52 15.05
C VAL D 149 41.18 41.57 14.12
N THR D 150 42.01 42.09 13.20
CA THR D 150 41.71 43.10 12.21
C THR D 150 41.22 42.45 10.91
N PRO D 151 40.32 43.11 10.18
CA PRO D 151 39.70 42.48 9.01
C PRO D 151 40.72 42.02 7.97
N GLY D 152 40.27 41.13 7.10
CA GLY D 152 41.04 40.66 5.97
C GLY D 152 41.87 39.41 6.22
N GLU D 153 42.15 39.07 7.48
CA GLU D 153 43.02 37.94 7.78
C GLU D 153 42.21 36.82 8.42
N SER D 154 42.58 35.59 8.08
CA SER D 154 41.83 34.41 8.48
C SER D 154 41.92 34.19 9.99
N VAL D 155 40.83 33.65 10.56
CA VAL D 155 40.70 33.51 12.00
C VAL D 155 40.20 32.09 12.30
N SER D 156 40.47 31.63 13.53
CA SER D 156 40.03 30.31 13.99
C SER D 156 39.47 30.39 15.40
N ILE D 157 38.61 29.43 15.74
CA ILE D 157 38.08 29.21 17.07
C ILE D 157 38.12 27.71 17.31
N SER D 158 38.28 27.29 18.57
CA SER D 158 38.46 25.90 18.92
C SER D 158 37.43 25.47 19.96
N CYS D 159 37.08 24.18 19.93
CA CYS D 159 36.12 23.59 20.85
C CYS D 159 36.53 22.15 21.12
N ARG D 160 36.33 21.69 22.35
CA ARG D 160 36.82 20.38 22.76
C ARG D 160 35.76 19.69 23.61
N SER D 161 35.72 18.37 23.50
CA SER D 161 34.76 17.53 24.21
C SER D 161 35.45 16.66 25.25
N SER D 162 34.64 15.94 26.03
CA SER D 162 35.14 14.95 26.97
C SER D 162 35.15 13.54 26.41
N LYS D 163 34.77 13.35 25.15
CA LYS D 163 34.73 12.05 24.52
C LYS D 163 34.36 12.23 23.06
N SER D 164 34.38 11.11 22.33
CA SER D 164 34.09 11.14 20.91
C SER D 164 32.60 11.44 20.68
N LEU D 165 32.33 12.28 19.69
CA LEU D 165 30.97 12.55 19.24
C LEU D 165 30.62 11.82 17.96
N LEU D 166 31.60 11.21 17.31
CA LEU D 166 31.37 10.39 16.13
C LEU D 166 30.62 9.13 16.51
N HIS D 167 29.33 9.09 16.17
CA HIS D 167 28.51 7.89 16.33
C HIS D 167 28.96 6.83 15.33
N SER D 168 28.38 5.63 15.46
CA SER D 168 28.72 4.55 14.55
C SER D 168 28.19 4.80 13.15
N ASN D 169 27.00 5.42 13.03
CA ASN D 169 26.41 5.63 11.71
C ASN D 169 27.18 6.64 10.87
N GLY D 170 28.07 7.44 11.46
CA GLY D 170 28.93 8.32 10.73
C GLY D 170 28.73 9.79 10.99
N ASN D 171 27.71 10.16 11.76
CA ASN D 171 27.45 11.56 12.04
C ASN D 171 28.41 12.09 13.09
N THR D 172 28.39 13.39 13.30
CA THR D 172 29.12 14.02 14.39
C THR D 172 28.32 15.21 14.88
N TYR D 173 27.66 15.05 16.02
CA TYR D 173 26.61 15.96 16.45
C TYR D 173 27.22 17.18 17.13
N LEU D 174 27.93 17.97 16.34
CA LEU D 174 28.56 19.20 16.79
C LEU D 174 27.96 20.38 16.02
N TYR D 175 27.60 21.43 16.75
CA TYR D 175 26.95 22.59 16.17
C TYR D 175 27.76 23.85 16.47
N TRP D 176 27.86 24.74 15.49
CA TRP D 176 28.47 26.05 15.65
C TRP D 176 27.45 27.10 15.29
N PHE D 177 27.31 28.12 16.14
CA PHE D 177 26.42 29.21 15.79
C PHE D 177 26.85 30.49 16.49
N LEU D 178 26.25 31.61 16.08
CA LEU D 178 26.80 32.93 16.34
C LEU D 178 25.74 33.85 16.93
N GLN D 179 26.15 34.65 17.90
CA GLN D 179 25.31 35.74 18.40
C GLN D 179 26.04 37.06 18.18
N ARG D 180 25.45 37.91 17.33
CA ARG D 180 25.92 39.27 17.11
C ARG D 180 25.60 40.15 18.30
N PRO D 181 26.29 41.28 18.45
CA PRO D 181 25.98 42.20 19.55
C PRO D 181 24.58 42.78 19.45
N GLY D 182 23.71 42.40 20.39
CA GLY D 182 22.34 42.86 20.42
C GLY D 182 21.36 42.04 19.62
N GLN D 183 21.77 40.88 19.12
CA GLN D 183 20.92 40.08 18.23
C GLN D 183 20.76 38.66 18.77
N SER D 184 19.77 37.96 18.23
CA SER D 184 19.54 36.56 18.52
C SER D 184 20.45 35.68 17.67
N PRO D 185 20.73 34.46 18.10
CA PRO D 185 21.67 33.62 17.36
C PRO D 185 21.07 33.12 16.05
N GLN D 186 21.94 32.48 15.26
CA GLN D 186 21.59 31.95 13.96
C GLN D 186 22.50 30.77 13.66
N LEU D 187 21.96 29.77 12.98
CA LEU D 187 22.76 28.58 12.70
C LEU D 187 23.83 28.87 11.67
N LEU D 188 25.05 28.42 11.96
CA LEU D 188 26.20 28.53 11.07
C LEU D 188 26.66 27.19 10.55
N ILE D 189 26.78 26.18 11.41
CA ILE D 189 27.28 24.87 11.03
C ILE D 189 26.54 23.81 11.83
N TYR D 190 25.86 22.90 11.13
CA TYR D 190 25.22 21.77 11.77
C TYR D 190 25.96 20.49 11.42
N ARG D 191 26.13 19.63 12.44
CA ARG D 191 26.91 18.39 12.34
C ARG D 191 28.34 18.63 11.86
N MET D 192 28.94 19.73 12.34
CA MET D 192 30.36 20.08 12.22
C MET D 192 30.95 20.04 10.81
N SER D 193 30.12 19.89 9.77
CA SER D 193 30.67 19.98 8.43
C SER D 193 29.81 20.83 7.51
N ASN D 194 28.51 20.88 7.80
CA ASN D 194 27.54 21.43 6.85
C ASN D 194 27.21 22.87 7.19
N LEU D 195 26.86 23.64 6.15
CA LEU D 195 26.64 25.07 6.25
C LEU D 195 25.15 25.37 6.14
N ALA D 196 24.65 26.22 7.03
CA ALA D 196 23.24 26.59 7.03
C ALA D 196 22.91 27.40 5.78
N SER D 197 21.63 27.73 5.65
CA SER D 197 21.11 28.40 4.46
C SER D 197 21.11 29.90 4.68
N GLY D 198 21.63 30.65 3.72
CA GLY D 198 21.68 32.08 3.79
C GLY D 198 22.95 32.66 4.37
N VAL D 199 23.92 31.83 4.71
CA VAL D 199 25.18 32.30 5.27
C VAL D 199 26.28 32.10 4.23
N PRO D 200 27.23 33.03 4.13
CA PRO D 200 28.27 32.92 3.09
C PRO D 200 29.22 31.77 3.33
N ASP D 201 29.93 31.37 2.27
CA ASP D 201 30.92 30.31 2.26
C ASP D 201 32.22 30.69 2.98
N ARG D 202 32.29 31.87 3.57
CA ARG D 202 33.47 32.28 4.30
C ARG D 202 33.73 31.38 5.50
N PHE D 203 32.68 30.84 6.10
CA PHE D 203 32.84 30.03 7.30
C PHE D 203 33.01 28.55 6.95
N SER D 204 33.80 27.85 7.77
CA SER D 204 33.97 26.42 7.58
C SER D 204 34.21 25.76 8.93
N GLY D 205 33.92 24.46 9.00
CA GLY D 205 34.10 23.70 10.21
C GLY D 205 34.84 22.42 9.95
N SER D 206 35.77 22.09 10.84
CA SER D 206 36.57 20.89 10.68
C SER D 206 36.93 20.36 12.06
N GLY D 207 37.49 19.17 12.11
CA GLY D 207 37.93 18.55 13.35
C GLY D 207 37.80 17.06 13.26
N SER D 208 38.11 16.39 14.37
CA SER D 208 37.96 14.94 14.43
C SER D 208 38.01 14.51 15.88
N GLY D 209 37.57 13.28 16.11
CA GLY D 209 37.63 12.71 17.43
C GLY D 209 36.87 13.56 18.44
N THR D 210 37.63 14.24 19.29
CA THR D 210 37.07 15.09 20.33
C THR D 210 37.37 16.57 20.12
N ALA D 211 38.22 16.93 19.16
CA ALA D 211 38.72 18.30 19.03
C ALA D 211 38.28 18.88 17.69
N PHE D 212 37.80 20.12 17.72
CA PHE D 212 37.21 20.74 16.54
C PHE D 212 37.62 22.20 16.43
N THR D 213 37.69 22.68 15.18
CA THR D 213 38.00 24.08 14.90
C THR D 213 37.03 24.64 13.86
N LEU D 214 36.49 25.82 14.17
CA LEU D 214 35.73 26.63 13.23
C LEU D 214 36.66 27.70 12.67
N THR D 215 36.57 27.96 11.36
CA THR D 215 37.50 28.88 10.73
C THR D 215 36.77 29.83 9.79
N ILE D 216 37.37 31.01 9.61
CA ILE D 216 36.92 32.02 8.67
C ILE D 216 38.10 32.41 7.79
N SER D 217 37.87 32.44 6.48
CA SER D 217 38.94 32.72 5.53
C SER D 217 39.08 34.22 5.26
N ARG D 218 38.01 34.84 4.77
CA ARG D 218 37.98 36.28 4.50
C ARG D 218 37.19 36.96 5.61
N LEU D 219 37.81 37.91 6.29
CA LEU D 219 37.23 38.54 7.46
C LEU D 219 36.53 39.84 7.07
N GLU D 220 35.23 39.91 7.35
CA GLU D 220 34.44 41.10 7.10
C GLU D 220 33.96 41.68 8.43
N ALA D 221 33.23 42.78 8.34
CA ALA D 221 32.78 43.49 9.54
C ALA D 221 31.48 42.93 10.11
N GLU D 222 30.98 41.82 9.56
CA GLU D 222 29.77 41.19 10.08
C GLU D 222 30.07 39.95 10.92
N ASP D 223 31.34 39.62 11.13
CA ASP D 223 31.70 38.46 11.93
C ASP D 223 32.00 38.80 13.38
N VAL D 224 31.99 40.07 13.76
CA VAL D 224 32.14 40.45 15.16
C VAL D 224 30.95 39.92 15.95
N GLY D 225 31.25 39.27 17.08
CA GLY D 225 30.21 38.62 17.85
C GLY D 225 30.81 37.56 18.75
N VAL D 226 29.96 36.65 19.22
CA VAL D 226 30.39 35.56 20.10
C VAL D 226 29.92 34.24 19.50
N TYR D 227 30.83 33.28 19.39
CA TYR D 227 30.56 31.96 18.84
C TYR D 227 30.30 30.95 19.95
N TYR D 228 29.38 30.03 19.69
CA TYR D 228 29.04 28.96 20.61
C TYR D 228 29.09 27.62 19.88
N CYS D 229 29.58 26.60 20.59
CA CYS D 229 29.57 25.23 20.11
C CYS D 229 28.67 24.40 21.00
N MET D 230 27.90 23.51 20.39
CA MET D 230 26.93 22.66 21.06
C MET D 230 27.15 21.22 20.62
N GLN D 231 26.67 20.29 21.43
CA GLN D 231 26.62 18.89 21.06
C GLN D 231 25.20 18.38 21.19
N HIS D 232 24.81 17.49 20.27
CA HIS D 232 23.46 16.97 20.24
C HIS D 232 23.44 15.45 20.28
N LEU D 233 24.53 14.84 20.76
CA LEU D 233 24.67 13.38 20.75
C LEU D 233 23.60 12.72 21.60
N GLU D 234 23.24 13.34 22.72
CA GLU D 234 22.30 12.78 23.65
C GLU D 234 21.91 13.86 24.64
N TYR D 235 20.83 13.63 25.37
CA TYR D 235 20.41 14.60 26.37
C TYR D 235 21.08 14.28 27.70
N PRO D 236 21.52 15.30 28.46
CA PRO D 236 21.37 16.74 28.24
C PRO D 236 22.22 17.34 27.14
N LEU D 237 21.67 18.37 26.50
CA LEU D 237 22.36 19.13 25.47
C LEU D 237 23.23 20.18 26.17
N THR D 238 24.53 20.14 25.90
CA THR D 238 25.49 20.94 26.67
C THR D 238 26.20 21.94 25.77
N PHE D 239 26.28 23.18 26.25
CA PHE D 239 26.94 24.27 25.57
C PHE D 239 28.25 24.63 26.27
N GLY D 240 29.24 25.03 25.48
CA GLY D 240 30.44 25.60 26.03
C GLY D 240 30.23 27.05 26.44
N ALA D 241 31.29 27.64 26.98
CA ALA D 241 31.31 29.07 27.25
C ALA D 241 31.50 29.81 25.93
N GLY D 242 31.48 31.14 25.96
CA GLY D 242 31.58 31.93 24.74
C GLY D 242 33.03 32.25 24.39
N THR D 243 33.29 32.33 23.10
CA THR D 243 34.59 32.75 22.58
C THR D 243 34.38 33.97 21.70
N LYS D 244 34.71 35.15 22.24
CA LYS D 244 34.35 36.42 21.64
C LYS D 244 35.42 36.88 20.65
N LEU D 245 34.99 37.52 19.57
CA LEU D 245 35.87 38.10 18.57
C LEU D 245 35.73 39.61 18.57
N GLU D 246 36.85 40.30 18.38
CA GLU D 246 36.89 41.75 18.34
C GLU D 246 37.55 42.21 17.07
N LEU D 247 37.09 43.36 16.57
CA LEU D 247 37.60 43.93 15.33
C LEU D 247 39.02 44.47 15.48
N PHE E 44 -24.69 -46.10 47.48
CA PHE E 44 -23.63 -45.48 46.69
C PHE E 44 -23.26 -44.12 47.25
N LEU E 45 -24.03 -43.66 48.24
CA LEU E 45 -23.90 -42.31 48.78
C LEU E 45 -22.51 -42.14 49.37
N GLU E 46 -21.69 -41.31 48.71
CA GLU E 46 -20.38 -40.95 49.20
C GLU E 46 -20.36 -39.46 49.56
N ILE E 47 -19.25 -39.04 50.18
CA ILE E 47 -19.10 -37.68 50.68
C ILE E 47 -17.79 -37.14 50.12
N ASP E 48 -17.85 -36.31 49.09
CA ASP E 48 -16.67 -35.55 48.69
C ASP E 48 -16.50 -34.36 49.63
N LYS E 49 -17.46 -33.45 49.60
CA LYS E 49 -17.68 -32.45 50.63
C LYS E 49 -19.18 -32.22 50.80
N LYS E 50 -20.00 -33.11 50.24
CA LYS E 50 -21.41 -32.87 49.98
C LYS E 50 -22.13 -34.20 50.15
N ASN E 51 -23.36 -34.28 49.65
CA ASN E 51 -24.10 -35.53 49.59
C ASN E 51 -24.32 -35.84 48.11
N CYS E 52 -23.53 -36.78 47.58
CA CYS E 52 -23.51 -37.09 46.16
C CYS E 52 -23.65 -38.59 45.96
N CYS E 53 -24.37 -38.97 44.91
CA CYS E 53 -24.39 -40.36 44.46
C CYS E 53 -23.42 -40.52 43.29
N VAL E 54 -22.74 -41.65 43.27
CA VAL E 54 -21.85 -42.01 42.17
C VAL E 54 -22.11 -43.46 41.81
N PHE E 55 -22.20 -43.74 40.51
CA PHE E 55 -22.49 -45.08 40.02
C PHE E 55 -21.39 -45.51 39.06
N ARG E 56 -21.29 -46.82 38.86
CA ARG E 56 -20.29 -47.42 37.97
C ARG E 56 -20.84 -48.75 37.47
N ASP E 57 -21.33 -48.75 36.23
CA ASP E 57 -22.01 -49.91 35.65
C ASP E 57 -21.15 -50.58 34.60
N ASP E 58 -21.38 -51.88 34.43
CA ASP E 58 -20.72 -52.62 33.36
C ASP E 58 -21.48 -52.42 32.06
N PHE E 59 -21.75 -51.16 31.73
CA PHE E 59 -22.36 -50.78 30.46
C PHE E 59 -21.58 -49.67 29.76
N ILE E 60 -20.95 -48.76 30.49
CA ILE E 60 -20.16 -47.69 29.89
C ILE E 60 -19.07 -48.28 29.01
N VAL E 61 -18.39 -49.32 29.51
CA VAL E 61 -17.33 -49.97 28.75
C VAL E 61 -17.87 -50.57 27.46
N LYS E 62 -19.16 -50.91 27.43
CA LYS E 62 -19.71 -51.60 26.26
C LYS E 62 -20.04 -50.66 25.11
N VAL E 63 -20.27 -49.37 25.37
CA VAL E 63 -20.75 -48.44 24.35
C VAL E 63 -19.83 -47.24 24.17
N LEU E 64 -19.34 -46.64 25.26
CA LEU E 64 -18.63 -45.37 25.15
C LEU E 64 -17.25 -45.47 24.50
N PRO E 65 -16.43 -46.50 24.76
CA PRO E 65 -15.11 -46.56 24.11
C PRO E 65 -15.19 -46.58 22.60
N PRO E 66 -16.02 -47.43 21.98
CA PRO E 66 -16.10 -47.38 20.51
C PRO E 66 -16.67 -46.08 19.97
N VAL E 67 -17.64 -45.50 20.67
CA VAL E 67 -18.20 -44.22 20.26
C VAL E 67 -17.11 -43.15 20.22
N LEU E 68 -16.30 -43.07 21.28
CA LEU E 68 -15.22 -42.11 21.28
C LEU E 68 -14.12 -42.47 20.30
N GLY E 69 -13.93 -43.74 19.99
CA GLY E 69 -13.00 -44.09 18.92
C GLY E 69 -13.43 -43.52 17.59
N LEU E 70 -14.72 -43.65 17.27
CA LEU E 70 -15.24 -43.02 16.06
C LEU E 70 -15.12 -41.50 16.12
N GLU E 71 -15.39 -40.91 17.29
CA GLU E 71 -15.34 -39.46 17.43
C GLU E 71 -13.93 -38.91 17.53
N PHE E 72 -12.92 -39.76 17.63
CA PHE E 72 -11.53 -39.34 17.72
C PHE E 72 -10.74 -39.62 16.46
N ILE E 73 -10.96 -40.76 15.81
CA ILE E 73 -10.19 -41.09 14.62
C ILE E 73 -10.58 -40.21 13.44
N PHE E 74 -11.74 -39.55 13.49
CA PHE E 74 -12.19 -38.66 12.42
C PHE E 74 -11.93 -37.19 12.72
N GLY E 75 -12.22 -36.74 13.94
CA GLY E 75 -11.98 -35.35 14.28
C GLY E 75 -10.51 -34.99 14.21
N LEU E 76 -9.63 -35.95 14.49
CA LEU E 76 -8.20 -35.70 14.46
C LEU E 76 -7.73 -35.27 13.08
N LEU E 77 -7.95 -36.11 12.08
CA LEU E 77 -7.61 -35.75 10.70
C LEU E 77 -8.45 -34.59 10.18
N GLY E 78 -9.74 -34.55 10.52
CA GLY E 78 -10.61 -33.49 10.04
C GLY E 78 -10.13 -32.11 10.45
N ASN E 79 -9.63 -31.97 11.68
CA ASN E 79 -9.09 -30.69 12.10
C ASN E 79 -7.62 -30.52 11.79
N GLY E 80 -6.85 -31.61 11.68
CA GLY E 80 -5.45 -31.48 11.32
C GLY E 80 -5.25 -30.96 9.91
N LEU E 81 -5.98 -31.52 8.95
CA LEU E 81 -5.88 -31.05 7.57
C LEU E 81 -6.37 -29.61 7.44
N ALA E 82 -7.49 -29.30 8.09
CA ALA E 82 -8.02 -27.94 8.06
C ALA E 82 -7.02 -26.96 8.66
N LEU E 83 -6.35 -27.37 9.73
CA LEU E 83 -5.42 -26.50 10.43
C LEU E 83 -4.10 -26.35 9.69
N TRP E 84 -3.74 -27.34 8.86
CA TRP E 84 -2.59 -27.18 7.98
C TRP E 84 -2.92 -26.21 6.84
N ILE E 85 -4.09 -26.38 6.22
CA ILE E 85 -4.50 -25.47 5.16
C ILE E 85 -4.62 -24.04 5.67
N PHE E 86 -5.16 -23.85 6.87
CA PHE E 86 -5.33 -22.51 7.42
C PHE E 86 -4.03 -21.83 7.80
N CYS E 87 -2.86 -22.43 7.57
CA CYS E 87 -1.62 -21.72 7.87
C CYS E 87 -0.53 -21.85 6.82
N PHE E 88 -0.54 -22.88 5.98
CA PHE E 88 0.53 -23.00 4.98
C PHE E 88 0.03 -22.90 3.54
N HIS E 89 -1.29 -22.81 3.31
CA HIS E 89 -1.79 -22.71 1.95
C HIS E 89 -2.92 -21.71 1.78
N LEU E 90 -3.38 -21.07 2.86
CA LEU E 90 -4.37 -20.02 2.78
C LEU E 90 -3.65 -18.68 2.84
N LYS E 91 -3.51 -18.02 1.69
CA LYS E 91 -2.69 -16.82 1.53
C LYS E 91 -3.56 -15.59 1.34
N SER E 92 -4.70 -15.55 2.02
CA SER E 92 -5.60 -14.41 1.95
C SER E 92 -5.70 -13.67 3.29
N TRP E 93 -6.08 -14.37 4.35
CA TRP E 93 -6.07 -13.84 5.71
C TRP E 93 -6.95 -12.60 5.85
N LYS E 94 -8.24 -12.80 5.63
CA LYS E 94 -9.21 -11.74 5.82
C LYS E 94 -9.84 -11.85 7.20
N SER E 95 -10.65 -10.85 7.55
CA SER E 95 -11.20 -10.67 8.88
C SER E 95 -12.17 -11.74 9.32
N SER E 96 -12.45 -12.75 8.50
CA SER E 96 -13.34 -13.82 8.95
C SER E 96 -12.83 -15.19 8.58
N ARG E 97 -11.58 -15.29 8.17
CA ARG E 97 -10.82 -16.53 8.26
C ARG E 97 -9.86 -16.50 9.44
N ILE E 98 -9.93 -15.44 10.25
CA ILE E 98 -9.29 -15.42 11.55
C ILE E 98 -10.32 -15.46 12.68
N PHE E 99 -11.56 -15.81 12.35
CA PHE E 99 -12.58 -16.22 13.30
C PHE E 99 -12.92 -17.69 13.17
N LEU E 100 -12.71 -18.28 12.01
CA LEU E 100 -12.80 -19.72 11.81
C LEU E 100 -11.55 -20.43 12.28
N PHE E 101 -10.40 -19.75 12.25
CA PHE E 101 -9.15 -20.36 12.71
C PHE E 101 -9.20 -20.62 14.20
N ASN E 102 -9.73 -19.68 14.96
CA ASN E 102 -9.92 -19.89 16.39
C ASN E 102 -10.86 -21.07 16.67
N LEU E 103 -11.94 -21.20 15.90
CA LEU E 103 -12.81 -22.35 16.01
C LEU E 103 -12.10 -23.64 15.59
N ALA E 104 -11.12 -23.53 14.70
CA ALA E 104 -10.37 -24.70 14.29
C ALA E 104 -9.29 -25.09 15.29
N VAL E 105 -8.90 -24.18 16.18
CA VAL E 105 -7.92 -24.49 17.21
C VAL E 105 -8.57 -24.57 18.59
N ALA E 106 -9.88 -24.43 18.67
CA ALA E 106 -10.62 -24.66 19.91
C ALA E 106 -11.18 -26.06 20.01
N ASP E 107 -11.09 -26.85 18.94
CA ASP E 107 -11.53 -28.23 18.98
C ASP E 107 -10.45 -29.23 18.61
N PHE E 108 -9.32 -28.78 18.07
CA PHE E 108 -8.15 -29.65 17.96
C PHE E 108 -7.63 -30.00 19.34
N LEU E 109 -7.96 -29.21 20.35
CA LEU E 109 -7.49 -29.48 21.70
C LEU E 109 -8.45 -30.39 22.46
N LEU E 110 -9.72 -30.40 22.09
CA LEU E 110 -10.65 -31.41 22.60
C LEU E 110 -10.72 -32.60 21.66
N ILE E 111 -9.56 -33.05 21.22
CA ILE E 111 -9.44 -34.29 20.44
C ILE E 111 -8.33 -35.12 21.05
N ILE E 112 -7.15 -34.48 21.20
CA ILE E 112 -6.02 -35.13 21.85
C ILE E 112 -6.28 -35.38 23.32
N CYS E 113 -7.29 -34.72 23.89
CA CYS E 113 -7.66 -34.91 25.29
C CYS E 113 -8.57 -36.11 25.50
N LEU E 114 -9.03 -36.73 24.43
CA LEU E 114 -10.03 -37.79 24.50
C LEU E 114 -9.47 -39.16 24.89
N PRO E 115 -8.32 -39.61 24.38
CA PRO E 115 -7.86 -40.97 24.73
C PRO E 115 -7.68 -41.22 26.22
N PHE E 116 -7.30 -40.20 27.00
CA PHE E 116 -7.20 -40.38 28.44
C PHE E 116 -8.56 -40.68 29.06
N LEU E 117 -9.60 -39.97 28.61
CA LEU E 117 -10.94 -40.23 29.12
C LEU E 117 -11.47 -41.56 28.61
N MET E 118 -11.06 -41.97 27.41
CA MET E 118 -11.34 -43.31 26.93
C MET E 118 -10.75 -44.37 27.86
N ASP E 119 -9.49 -44.18 28.27
CA ASP E 119 -8.89 -45.04 29.27
C ASP E 119 -9.66 -45.02 30.58
N ASN E 120 -10.14 -43.85 30.99
CA ASN E 120 -10.95 -43.76 32.20
C ASN E 120 -12.17 -44.65 32.11
N TYR E 121 -12.79 -44.82 30.97
CA TYR E 121 -14.06 -45.59 30.97
C TYR E 121 -13.82 -47.00 30.73
N VAL E 122 -12.78 -47.31 30.01
CA VAL E 122 -12.51 -48.74 29.83
C VAL E 122 -12.28 -49.45 31.16
N ARG E 123 -11.79 -48.74 32.18
CA ARG E 123 -11.51 -49.33 33.48
C ARG E 123 -12.60 -49.05 34.50
N ARG E 124 -13.77 -48.56 34.06
CA ARG E 124 -14.92 -48.35 34.94
C ARG E 124 -14.60 -47.36 36.05
N TRP E 125 -14.30 -46.12 35.65
CA TRP E 125 -13.99 -45.04 36.58
C TRP E 125 -12.81 -45.40 37.48
N ASP E 126 -11.64 -45.54 36.85
CA ASP E 126 -10.41 -45.90 37.54
C ASP E 126 -9.26 -45.15 36.90
N TRP E 127 -8.64 -44.24 37.66
CA TRP E 127 -7.65 -43.31 37.14
C TRP E 127 -6.26 -43.74 37.57
N LYS E 128 -5.47 -44.22 36.61
CA LYS E 128 -4.10 -44.66 36.86
C LYS E 128 -3.05 -43.70 36.30
N PHE E 129 -3.40 -42.43 36.05
CA PHE E 129 -2.46 -41.49 35.47
C PHE E 129 -2.11 -40.35 36.41
N GLY E 130 -2.38 -40.48 37.70
CA GLY E 130 -1.89 -39.53 38.69
C GLY E 130 -2.75 -38.28 38.78
N ASP E 131 -2.39 -37.46 39.77
CA ASP E 131 -3.23 -36.33 40.15
C ASP E 131 -3.22 -35.23 39.10
N ILE E 132 -2.04 -34.86 38.61
CA ILE E 132 -1.92 -33.66 37.78
C ILE E 132 -2.77 -33.74 36.52
N PRO E 133 -2.70 -34.78 35.69
CA PRO E 133 -3.53 -34.80 34.48
C PRO E 133 -5.02 -34.79 34.75
N CYS E 134 -5.46 -35.26 35.92
CA CYS E 134 -6.87 -35.23 36.27
C CYS E 134 -7.35 -33.81 36.52
N ARG E 135 -6.51 -32.80 36.36
CA ARG E 135 -6.93 -31.41 36.42
C ARG E 135 -6.69 -30.67 35.12
N LEU E 136 -5.73 -31.11 34.31
CA LEU E 136 -5.67 -30.66 32.92
C LEU E 136 -6.82 -31.22 32.10
N MET E 137 -7.08 -32.53 32.20
CA MET E 137 -8.05 -33.21 31.35
C MET E 137 -9.49 -32.87 31.71
N LEU E 138 -9.73 -32.19 32.83
CA LEU E 138 -11.03 -31.64 33.14
C LEU E 138 -11.09 -30.13 32.95
N PHE E 139 -9.99 -29.51 32.51
CA PHE E 139 -9.97 -28.11 32.15
C PHE E 139 -9.92 -27.94 30.63
N MET E 140 -9.35 -28.91 29.92
CA MET E 140 -9.35 -28.84 28.47
C MET E 140 -10.72 -29.15 27.90
N LEU E 141 -11.39 -30.18 28.40
CA LEU E 141 -12.70 -30.55 27.86
C LEU E 141 -13.72 -29.45 28.06
N ALA E 142 -13.81 -28.90 29.26
CA ALA E 142 -14.82 -27.91 29.59
C ALA E 142 -14.46 -26.51 29.13
N MET E 143 -13.28 -26.33 28.54
CA MET E 143 -12.86 -25.04 27.99
C MET E 143 -12.74 -25.05 26.49
N ASN E 144 -12.44 -26.20 25.88
CA ASN E 144 -12.45 -26.37 24.44
C ASN E 144 -13.81 -26.78 23.91
N ARG E 145 -14.83 -26.78 24.76
CA ARG E 145 -16.24 -26.94 24.37
C ARG E 145 -16.99 -25.63 24.40
N GLN E 146 -16.92 -24.90 25.51
CA GLN E 146 -17.48 -23.56 25.56
C GLN E 146 -16.72 -22.61 24.65
N GLY E 147 -15.49 -22.95 24.30
CA GLY E 147 -14.72 -22.12 23.39
C GLY E 147 -14.87 -22.48 21.94
N SER E 148 -15.72 -23.46 21.64
CA SER E 148 -16.14 -23.74 20.28
C SER E 148 -17.51 -23.14 19.97
N ILE E 149 -18.39 -23.09 20.98
CA ILE E 149 -19.66 -22.38 20.86
C ILE E 149 -19.42 -20.90 20.58
N ILE E 150 -18.48 -20.28 21.32
CA ILE E 150 -18.29 -18.84 21.22
C ILE E 150 -17.85 -18.44 19.82
N PHE E 151 -17.02 -19.25 19.19
CA PHE E 151 -16.59 -18.98 17.82
C PHE E 151 -17.50 -19.64 16.80
N LEU E 152 -18.52 -20.34 17.24
CA LEU E 152 -19.58 -20.84 16.38
C LEU E 152 -20.76 -19.87 16.31
N THR E 153 -20.80 -18.88 17.19
CA THR E 153 -21.82 -17.84 17.18
C THR E 153 -21.36 -16.57 16.49
N VAL E 154 -20.09 -16.20 16.67
CA VAL E 154 -19.53 -15.02 16.02
C VAL E 154 -19.65 -15.11 14.51
N VAL E 155 -19.46 -16.31 13.95
CA VAL E 155 -19.63 -16.50 12.51
C VAL E 155 -21.05 -16.11 12.09
N ALA E 156 -22.04 -16.48 12.89
CA ALA E 156 -23.45 -16.24 12.57
C ALA E 156 -23.91 -14.85 12.93
N VAL E 157 -23.04 -13.97 13.42
CA VAL E 157 -23.39 -12.57 13.61
C VAL E 157 -22.64 -11.79 12.54
N ASP E 158 -21.46 -12.30 12.20
CA ASP E 158 -20.74 -11.83 11.02
C ASP E 158 -21.64 -11.89 9.80
N ARG E 159 -22.27 -13.06 9.57
CA ARG E 159 -23.12 -13.21 8.40
C ARG E 159 -24.32 -12.27 8.42
N TYR E 160 -25.04 -12.20 9.54
CA TYR E 160 -26.17 -11.28 9.66
C TYR E 160 -25.75 -9.86 9.29
N PHE E 161 -24.65 -9.38 9.85
CA PHE E 161 -24.21 -8.04 9.48
C PHE E 161 -23.81 -7.94 8.03
N ARG E 162 -23.26 -8.99 7.44
CA ARG E 162 -22.95 -8.93 6.03
C ARG E 162 -24.18 -8.79 5.15
N VAL E 163 -25.28 -9.47 5.48
CA VAL E 163 -26.40 -9.61 4.56
C VAL E 163 -27.47 -8.54 4.80
N VAL E 164 -28.08 -8.52 5.97
CA VAL E 164 -29.20 -7.61 6.20
C VAL E 164 -28.74 -6.19 6.44
N HIS E 165 -27.49 -5.98 6.83
CA HIS E 165 -26.96 -4.65 7.14
C HIS E 165 -25.67 -4.42 6.39
N PRO E 166 -25.72 -4.29 5.11
CA PRO E 166 -24.52 -3.97 4.36
C PRO E 166 -24.24 -2.49 4.51
N HIS E 167 -23.20 -1.98 3.85
CA HIS E 167 -22.89 -0.56 3.89
C HIS E 167 -22.59 -0.12 5.31
N HIS E 168 -22.11 -1.06 6.11
CA HIS E 168 -21.82 -0.84 7.52
C HIS E 168 -20.32 -0.81 7.74
N ALA E 169 -19.91 -0.16 8.81
CA ALA E 169 -18.49 -0.10 9.15
C ALA E 169 -17.93 -1.45 9.54
N LEU E 170 -18.70 -2.26 10.25
CA LEU E 170 -18.20 -3.46 10.89
C LEU E 170 -17.88 -4.58 9.91
N ASN E 171 -18.22 -4.43 8.64
CA ASN E 171 -17.93 -5.45 7.66
C ASN E 171 -16.55 -5.29 7.05
N LYS E 172 -15.84 -4.23 7.38
CA LYS E 172 -14.58 -3.87 6.72
C LYS E 172 -13.43 -3.83 7.72
N ILE E 173 -13.66 -4.37 8.92
CA ILE E 173 -12.68 -4.26 10.00
C ILE E 173 -11.36 -4.86 9.57
N SER E 174 -10.29 -4.40 10.20
CA SER E 174 -8.96 -4.87 9.92
C SER E 174 -8.67 -6.15 10.69
N ASN E 175 -7.76 -6.97 10.15
CA ASN E 175 -7.46 -8.26 10.77
C ASN E 175 -6.38 -8.15 11.83
N ARG E 176 -6.15 -6.95 12.36
CA ARG E 176 -5.46 -6.79 13.62
C ARG E 176 -6.35 -6.21 14.70
N THR E 177 -7.55 -5.77 14.33
CA THR E 177 -8.61 -5.39 15.25
C THR E 177 -9.60 -6.52 15.44
N ALA E 178 -9.46 -7.59 14.66
CA ALA E 178 -10.21 -8.81 14.89
C ALA E 178 -9.47 -9.80 15.77
N ALA E 179 -8.17 -9.63 15.96
CA ALA E 179 -7.40 -10.49 16.86
C ALA E 179 -7.47 -10.00 18.30
N ILE E 180 -7.75 -8.73 18.51
CA ILE E 180 -8.10 -8.24 19.85
C ILE E 180 -9.33 -8.97 20.35
N ILE E 181 -10.36 -9.07 19.50
CA ILE E 181 -11.60 -9.73 19.90
C ILE E 181 -11.37 -11.23 20.08
N SER E 182 -10.54 -11.85 19.23
CA SER E 182 -10.19 -13.24 19.42
C SER E 182 -9.50 -13.46 20.76
N CYS E 183 -8.54 -12.61 21.10
CA CYS E 183 -7.80 -12.78 22.35
C CYS E 183 -8.65 -12.47 23.57
N LEU E 184 -9.67 -11.61 23.45
CA LEU E 184 -10.57 -11.40 24.57
C LEU E 184 -11.60 -12.51 24.71
N LEU E 185 -12.01 -13.12 23.59
CA LEU E 185 -12.91 -14.26 23.65
C LEU E 185 -12.21 -15.53 24.13
N TRP E 186 -10.90 -15.60 23.93
CA TRP E 186 -10.07 -16.62 24.59
C TRP E 186 -9.75 -16.25 26.02
N GLY E 187 -10.24 -15.13 26.52
CA GLY E 187 -9.92 -14.70 27.86
C GLY E 187 -11.12 -14.77 28.77
N ILE E 188 -12.31 -14.58 28.19
CA ILE E 188 -13.53 -14.85 28.94
C ILE E 188 -13.85 -16.34 28.97
N THR E 189 -13.22 -17.14 28.09
CA THR E 189 -13.36 -18.59 28.16
C THR E 189 -12.53 -19.16 29.30
N ILE E 190 -11.22 -18.88 29.29
CA ILE E 190 -10.31 -19.38 30.32
C ILE E 190 -10.67 -18.82 31.69
N GLY E 191 -11.25 -17.62 31.72
CA GLY E 191 -11.61 -17.00 32.98
C GLY E 191 -12.69 -17.73 33.76
N LEU E 192 -13.55 -18.50 33.09
CA LEU E 192 -14.63 -19.21 33.75
C LEU E 192 -14.32 -20.68 33.99
N THR E 193 -13.17 -21.16 33.52
CA THR E 193 -12.83 -22.57 33.61
C THR E 193 -11.60 -22.80 34.48
N VAL E 194 -10.98 -21.75 35.02
CA VAL E 194 -9.81 -21.91 35.88
C VAL E 194 -10.15 -22.58 37.21
N HIS E 195 -11.34 -22.33 37.77
CA HIS E 195 -11.66 -22.87 39.09
C HIS E 195 -11.72 -24.39 39.13
N LEU E 196 -11.54 -25.07 38.00
CA LEU E 196 -11.37 -26.52 37.98
C LEU E 196 -9.92 -26.92 38.10
N LEU E 197 -9.01 -25.96 38.20
CA LEU E 197 -7.59 -26.20 38.42
C LEU E 197 -7.20 -26.14 39.89
N LYS E 198 -7.84 -25.28 40.65
CA LYS E 198 -7.49 -25.05 42.04
C LYS E 198 -8.19 -26.03 42.97
N LYS E 199 -8.10 -27.30 42.63
CA LYS E 199 -8.71 -28.31 43.51
C LYS E 199 -7.86 -29.56 43.49
N LYS E 200 -8.38 -30.68 43.97
CA LYS E 200 -7.68 -31.96 43.89
C LYS E 200 -8.73 -32.98 43.48
N MET E 201 -9.03 -33.05 42.18
CA MET E 201 -10.10 -33.94 41.71
C MET E 201 -9.97 -35.41 42.11
N PRO E 202 -8.77 -35.99 41.98
CA PRO E 202 -8.73 -37.42 42.32
C PRO E 202 -9.41 -37.68 43.65
N ILE E 203 -10.39 -38.59 43.68
CA ILE E 203 -11.13 -38.87 44.90
C ILE E 203 -11.35 -40.35 45.12
N GLN E 204 -11.26 -40.80 46.37
CA GLN E 204 -11.46 -42.20 46.68
C GLN E 204 -12.94 -42.55 46.52
N ASN E 205 -13.21 -43.71 45.90
CA ASN E 205 -14.55 -44.23 45.71
C ASN E 205 -14.66 -45.61 46.35
N GLY E 206 -14.03 -45.77 47.51
CA GLY E 206 -13.92 -47.06 48.14
C GLY E 206 -12.72 -47.83 47.60
N GLY E 207 -12.85 -48.34 46.38
CA GLY E 207 -11.77 -49.08 45.76
C GLY E 207 -10.94 -48.29 44.77
N ALA E 208 -11.61 -47.55 43.88
CA ALA E 208 -10.97 -46.88 42.76
C ALA E 208 -10.97 -45.37 42.98
N ASN E 209 -10.55 -44.64 41.95
CA ASN E 209 -10.47 -43.18 42.00
C ASN E 209 -11.31 -42.62 40.86
N LEU E 210 -12.25 -41.72 41.18
CA LEU E 210 -13.07 -41.09 40.16
C LEU E 210 -12.55 -39.70 39.86
N CYS E 211 -12.43 -39.39 38.57
CA CYS E 211 -12.04 -38.08 38.07
C CYS E 211 -13.22 -37.55 37.26
N SER E 212 -14.17 -36.90 37.94
CA SER E 212 -15.40 -36.51 37.27
C SER E 212 -15.79 -35.10 37.70
N SER E 213 -15.99 -34.24 36.71
CA SER E 213 -16.53 -32.91 36.93
C SER E 213 -18.05 -32.90 37.07
N PHE E 214 -18.71 -34.01 36.73
CA PHE E 214 -20.15 -34.12 36.75
C PHE E 214 -20.55 -35.15 37.80
N SER E 215 -21.44 -34.75 38.71
CA SER E 215 -21.92 -35.66 39.73
C SER E 215 -23.30 -35.21 40.18
N ILE E 216 -24.08 -36.16 40.69
CA ILE E 216 -25.42 -35.84 41.14
C ILE E 216 -25.36 -35.42 42.60
N CYS E 217 -25.12 -34.14 42.84
CA CYS E 217 -25.02 -33.60 44.19
C CYS E 217 -26.22 -32.70 44.46
N HIS E 218 -26.39 -32.35 45.73
CA HIS E 218 -27.60 -31.62 46.13
C HIS E 218 -27.26 -30.21 46.58
N THR E 219 -26.27 -29.58 45.98
CA THR E 219 -25.92 -28.19 46.26
C THR E 219 -25.87 -27.38 44.96
N PHE E 220 -26.23 -26.10 45.06
CA PHE E 220 -26.14 -25.22 43.91
C PHE E 220 -24.68 -25.01 43.53
N GLN E 221 -24.35 -25.14 42.25
CA GLN E 221 -23.00 -24.95 41.80
C GLN E 221 -23.02 -23.96 40.64
N TRP E 222 -21.90 -23.71 39.98
CA TRP E 222 -21.77 -22.80 38.86
C TRP E 222 -21.50 -23.53 37.55
N HIS E 223 -21.08 -24.79 37.61
CA HIS E 223 -20.71 -25.51 36.41
C HIS E 223 -21.94 -25.97 35.64
N GLU E 224 -22.94 -26.16 36.45
CA GLU E 224 -24.18 -26.58 35.91
C GLU E 224 -24.89 -25.48 35.15
N ALA E 225 -25.06 -24.37 35.75
CA ALA E 225 -25.63 -23.18 35.15
C ALA E 225 -24.87 -22.80 33.89
N MET E 226 -23.55 -23.01 33.88
CA MET E 226 -22.78 -22.81 32.67
C MET E 226 -23.14 -23.84 31.60
N PHE E 227 -23.42 -25.08 32.02
CA PHE E 227 -23.85 -26.10 31.06
C PHE E 227 -25.14 -25.70 30.34
N LEU E 228 -26.04 -25.01 31.03
CA LEU E 228 -27.28 -24.57 30.37
C LEU E 228 -27.10 -23.27 29.60
N LEU E 229 -26.34 -22.32 30.16
CA LEU E 229 -26.11 -21.03 29.52
C LEU E 229 -25.31 -21.15 28.23
N GLU E 230 -24.45 -22.15 28.11
CA GLU E 230 -23.72 -22.34 26.87
C GLU E 230 -24.63 -22.77 25.73
N PHE E 231 -25.85 -23.18 26.03
CA PHE E 231 -26.77 -23.67 25.00
C PHE E 231 -27.89 -22.69 24.71
N PHE E 232 -28.49 -22.10 25.74
CA PHE E 232 -29.72 -21.36 25.48
C PHE E 232 -29.47 -20.01 24.79
N LEU E 233 -28.45 -19.26 25.20
CA LEU E 233 -28.19 -17.98 24.54
C LEU E 233 -27.75 -18.11 23.08
N PRO E 234 -26.76 -18.93 22.74
CA PRO E 234 -26.41 -19.07 21.31
C PRO E 234 -27.55 -19.55 20.45
N LEU E 235 -28.49 -20.32 20.99
CA LEU E 235 -29.68 -20.67 20.23
C LEU E 235 -30.49 -19.44 19.86
N GLY E 236 -30.77 -18.58 20.84
CA GLY E 236 -31.54 -17.38 20.58
C GLY E 236 -30.82 -16.38 19.71
N ILE E 237 -29.50 -16.54 19.54
CA ILE E 237 -28.81 -15.70 18.57
C ILE E 237 -28.85 -16.33 17.17
N ILE E 238 -28.50 -17.60 17.07
CA ILE E 238 -28.35 -18.25 15.78
C ILE E 238 -29.69 -18.32 15.05
N LEU E 239 -30.76 -18.66 15.77
CA LEU E 239 -32.06 -18.79 15.10
C LEU E 239 -32.53 -17.47 14.53
N PHE E 240 -32.40 -16.39 15.31
CA PHE E 240 -32.78 -15.06 14.81
C PHE E 240 -31.95 -14.66 13.60
N CYS E 241 -30.63 -14.84 13.67
CA CYS E 241 -29.77 -14.47 12.55
C CYS E 241 -30.14 -15.25 11.30
N SER E 242 -30.35 -16.56 11.44
CA SER E 242 -30.65 -17.40 10.30
C SER E 242 -32.05 -17.18 9.75
N ALA E 243 -33.00 -16.72 10.56
CA ALA E 243 -34.29 -16.35 10.01
C ALA E 243 -34.22 -15.06 9.23
N ARG E 244 -33.53 -14.06 9.77
CA ARG E 244 -33.46 -12.78 9.07
C ARG E 244 -32.64 -12.85 7.79
N ILE E 245 -31.55 -13.61 7.76
CA ILE E 245 -30.79 -13.74 6.52
C ILE E 245 -31.68 -14.33 5.42
N ILE E 246 -32.40 -15.41 5.75
CA ILE E 246 -33.19 -16.12 4.77
C ILE E 246 -34.38 -15.29 4.32
N TRP E 247 -34.94 -14.48 5.22
CA TRP E 247 -36.06 -13.64 4.82
C TRP E 247 -35.59 -12.47 3.95
N SER E 248 -34.51 -11.79 4.36
CA SER E 248 -34.02 -10.64 3.63
C SER E 248 -33.30 -10.99 2.36
N LEU E 249 -32.99 -12.27 2.14
CA LEU E 249 -32.40 -12.71 0.90
C LEU E 249 -33.45 -13.20 -0.08
N ARG E 250 -34.72 -13.02 0.25
CA ARG E 250 -35.81 -13.47 -0.59
C ARG E 250 -36.95 -12.47 -0.71
N GLN E 251 -36.89 -11.33 -0.02
CA GLN E 251 -37.77 -10.22 -0.34
C GLN E 251 -37.14 -9.27 -1.33
N ARG E 252 -35.85 -9.43 -1.58
CA ARG E 252 -35.15 -8.74 -2.66
C ARG E 252 -35.13 -9.56 -3.94
N GLN E 253 -35.93 -10.62 -4.01
CA GLN E 253 -36.03 -11.50 -5.18
C GLN E 253 -34.70 -12.08 -5.60
N MET E 254 -33.70 -12.05 -4.71
CA MET E 254 -32.40 -12.62 -5.04
C MET E 254 -32.39 -14.13 -5.03
N ASP E 255 -33.53 -14.78 -4.84
CA ASP E 255 -33.57 -16.24 -4.71
C ASP E 255 -33.81 -16.92 -6.06
N ARG E 256 -33.01 -16.54 -7.05
CA ARG E 256 -32.99 -17.23 -8.33
C ARG E 256 -31.61 -17.66 -8.77
N HIS E 257 -30.56 -16.89 -8.49
CA HIS E 257 -29.21 -17.32 -8.80
C HIS E 257 -28.94 -18.67 -8.12
N ALA E 258 -28.42 -19.61 -8.91
CA ALA E 258 -28.28 -20.98 -8.46
C ALA E 258 -27.29 -21.15 -7.32
N LYS E 259 -26.42 -20.17 -7.08
CA LYS E 259 -25.46 -20.24 -5.99
C LYS E 259 -25.97 -19.56 -4.72
N ILE E 260 -26.96 -18.68 -4.83
CA ILE E 260 -27.58 -18.06 -3.66
C ILE E 260 -28.92 -18.70 -3.35
N LYS E 261 -29.26 -19.80 -4.00
CA LYS E 261 -30.28 -20.74 -3.54
C LYS E 261 -29.66 -21.95 -2.85
N ARG E 262 -28.38 -22.21 -3.10
CA ARG E 262 -27.59 -23.12 -2.30
C ARG E 262 -27.13 -22.49 -1.00
N ALA E 263 -27.10 -21.16 -0.95
CA ALA E 263 -26.62 -20.45 0.24
C ALA E 263 -27.67 -20.35 1.33
N ILE E 264 -28.92 -20.67 1.03
CA ILE E 264 -29.95 -20.65 2.07
C ILE E 264 -29.91 -21.95 2.87
N THR E 265 -29.55 -23.06 2.22
CA THR E 265 -29.56 -24.35 2.91
C THR E 265 -28.46 -24.44 3.95
N PHE E 266 -27.25 -24.00 3.62
CA PHE E 266 -26.13 -24.05 4.55
C PHE E 266 -26.25 -23.03 5.68
N ILE E 267 -27.38 -22.34 5.78
CA ILE E 267 -27.69 -21.53 6.95
C ILE E 267 -28.70 -22.25 7.85
N MET E 268 -29.42 -23.23 7.31
CA MET E 268 -30.27 -24.09 8.13
C MET E 268 -29.57 -25.36 8.60
N VAL E 269 -28.66 -25.91 7.80
CA VAL E 269 -27.97 -27.14 8.20
C VAL E 269 -27.14 -26.91 9.45
N VAL E 270 -26.54 -25.72 9.56
CA VAL E 270 -25.71 -25.41 10.73
C VAL E 270 -26.57 -25.24 11.96
N ALA E 271 -27.73 -24.61 11.82
CA ALA E 271 -28.66 -24.49 12.94
C ALA E 271 -29.35 -25.80 13.28
N ILE E 272 -29.25 -26.80 12.41
CA ILE E 272 -29.82 -28.11 12.74
C ILE E 272 -28.83 -28.97 13.50
N VAL E 273 -27.57 -29.03 13.05
CA VAL E 273 -26.60 -29.71 13.90
C VAL E 273 -26.00 -28.67 14.84
N PHE E 274 -26.86 -28.16 15.72
CA PHE E 274 -26.53 -27.56 17.00
C PHE E 274 -27.56 -27.90 18.06
N VAL E 275 -28.79 -28.24 17.64
CA VAL E 275 -29.82 -28.74 18.54
C VAL E 275 -29.88 -30.26 18.51
N ILE E 276 -29.22 -30.90 17.54
CA ILE E 276 -29.17 -32.36 17.53
C ILE E 276 -28.05 -32.84 18.45
N CYS E 277 -27.01 -32.02 18.60
CA CYS E 277 -25.88 -32.36 19.46
C CYS E 277 -26.08 -31.87 20.89
N PHE E 278 -26.29 -30.58 21.08
CA PHE E 278 -26.26 -30.02 22.42
C PHE E 278 -27.57 -30.17 23.18
N LEU E 279 -28.69 -30.41 22.51
CA LEU E 279 -29.96 -30.47 23.22
C LEU E 279 -30.22 -31.78 23.98
N PRO E 280 -29.92 -32.95 23.41
CA PRO E 280 -30.26 -34.20 24.13
C PRO E 280 -29.69 -34.28 25.53
N SER E 281 -28.47 -33.78 25.76
CA SER E 281 -27.85 -33.87 27.07
C SER E 281 -28.23 -32.73 28.01
N VAL E 282 -29.07 -31.80 27.58
CA VAL E 282 -29.53 -30.73 28.46
C VAL E 282 -30.90 -31.06 29.06
N VAL E 283 -31.77 -31.72 28.30
CA VAL E 283 -33.03 -32.16 28.88
C VAL E 283 -32.78 -33.27 29.89
N VAL E 284 -31.71 -34.06 29.72
CA VAL E 284 -31.36 -35.05 30.75
C VAL E 284 -30.91 -34.35 32.03
N ARG E 285 -30.22 -33.24 32.01
CA ARG E 285 -29.87 -32.51 33.19
C ARG E 285 -31.09 -31.92 33.75
N ILE E 286 -32.01 -31.42 32.97
CA ILE E 286 -33.25 -30.91 33.56
C ILE E 286 -33.99 -32.04 34.27
N ARG E 287 -33.98 -33.23 33.68
CA ARG E 287 -34.56 -34.40 34.34
C ARG E 287 -33.86 -34.70 35.66
N ILE E 288 -32.53 -34.58 35.68
CA ILE E 288 -31.76 -34.78 36.90
C ILE E 288 -32.16 -33.76 37.96
N PHE E 289 -32.31 -32.49 37.56
CA PHE E 289 -32.72 -31.46 38.51
C PHE E 289 -34.11 -31.77 39.07
N TRP E 290 -35.01 -32.21 38.21
CA TRP E 290 -36.35 -32.56 38.67
C TRP E 290 -36.31 -33.73 39.65
N LEU E 291 -35.46 -34.72 39.38
CA LEU E 291 -35.32 -35.85 40.29
C LEU E 291 -34.73 -35.41 41.62
N LEU E 292 -33.74 -34.51 41.59
CA LEU E 292 -33.17 -33.97 42.81
C LEU E 292 -34.17 -33.16 43.62
N HIS E 293 -35.16 -32.55 42.96
CA HIS E 293 -36.11 -31.70 43.67
C HIS E 293 -37.36 -32.45 44.14
N THR E 294 -37.85 -33.41 43.37
CA THR E 294 -39.04 -34.16 43.79
C THR E 294 -38.78 -34.92 45.08
N SER E 295 -37.61 -35.56 45.18
CA SER E 295 -37.20 -36.21 46.41
C SER E 295 -35.76 -35.84 46.69
N GLY E 296 -35.39 -35.92 47.96
CA GLY E 296 -34.01 -35.64 48.36
C GLY E 296 -33.09 -36.76 47.94
N THR E 297 -31.79 -36.52 48.15
CA THR E 297 -30.78 -37.54 47.87
C THR E 297 -30.77 -38.54 49.03
N GLN E 298 -31.81 -39.37 49.03
CA GLN E 298 -32.03 -40.37 50.07
C GLN E 298 -31.97 -41.80 49.56
N ASN E 299 -32.39 -42.03 48.32
CA ASN E 299 -32.30 -43.34 47.68
C ASN E 299 -31.66 -43.12 46.31
N CYS E 300 -30.39 -43.48 46.18
CA CYS E 300 -29.64 -43.14 44.98
C CYS E 300 -30.02 -43.99 43.77
N GLU E 301 -30.48 -45.24 43.98
CA GLU E 301 -30.73 -46.12 42.85
C GLU E 301 -31.85 -45.62 41.95
N VAL E 302 -32.61 -44.62 42.41
CA VAL E 302 -33.59 -43.96 41.55
C VAL E 302 -32.91 -43.41 40.30
N TYR E 303 -31.74 -42.82 40.45
CA TYR E 303 -31.00 -42.29 39.32
C TYR E 303 -30.35 -43.38 38.47
N ARG E 304 -30.39 -44.62 38.95
CA ARG E 304 -29.66 -45.74 38.34
C ARG E 304 -29.73 -45.74 36.82
N SER E 305 -30.85 -45.33 36.24
CA SER E 305 -30.98 -45.28 34.79
C SER E 305 -30.57 -43.94 34.20
N VAL E 306 -31.16 -42.85 34.70
CA VAL E 306 -30.99 -41.55 34.04
C VAL E 306 -29.52 -41.19 33.94
N ASP E 307 -28.76 -41.41 35.02
CA ASP E 307 -27.34 -41.06 35.04
C ASP E 307 -26.61 -41.75 33.90
N LEU E 308 -26.86 -43.04 33.69
CA LEU E 308 -26.21 -43.74 32.59
C LEU E 308 -26.48 -43.01 31.28
N ALA E 309 -27.74 -42.68 31.02
CA ALA E 309 -28.10 -41.99 29.79
C ALA E 309 -27.24 -40.75 29.58
N PHE E 310 -27.01 -39.99 30.66
CA PHE E 310 -26.27 -38.74 30.53
C PHE E 310 -24.92 -38.98 29.87
N PHE E 311 -24.20 -40.01 30.26
CA PHE E 311 -22.85 -40.14 29.76
C PHE E 311 -22.81 -40.65 28.32
N ILE E 312 -23.94 -41.09 27.77
CA ILE E 312 -24.03 -41.25 26.32
C ILE E 312 -24.34 -39.92 25.65
N THR E 313 -25.28 -39.16 26.21
CA THR E 313 -25.75 -37.95 25.53
C THR E 313 -24.68 -36.87 25.53
N LEU E 314 -23.87 -36.81 26.59
CA LEU E 314 -22.72 -35.91 26.59
C LEU E 314 -21.75 -36.23 25.48
N SER E 315 -21.73 -37.49 25.02
CA SER E 315 -20.90 -37.86 23.90
C SER E 315 -21.36 -37.24 22.59
N PHE E 316 -22.55 -36.64 22.55
CA PHE E 316 -22.93 -35.84 21.39
C PHE E 316 -22.21 -34.52 21.36
N THR E 317 -21.79 -34.01 22.52
CA THR E 317 -21.16 -32.70 22.56
C THR E 317 -19.78 -32.73 21.92
N TYR E 318 -19.13 -33.89 21.91
CA TYR E 318 -17.90 -33.99 21.13
C TYR E 318 -18.17 -34.20 19.66
N MET E 319 -19.39 -34.62 19.30
CA MET E 319 -19.66 -34.98 17.91
C MET E 319 -19.53 -33.78 17.00
N ASN E 320 -20.04 -32.62 17.42
CA ASN E 320 -19.80 -31.38 16.69
C ASN E 320 -18.36 -31.28 16.23
N SER E 321 -17.42 -31.53 17.14
CA SER E 321 -16.00 -31.28 16.87
C SER E 321 -15.45 -32.13 15.74
N MET E 322 -16.25 -33.06 15.20
CA MET E 322 -15.82 -33.77 14.00
C MET E 322 -16.65 -33.45 12.78
N LEU E 323 -17.92 -33.05 12.94
CA LEU E 323 -18.70 -32.57 11.80
C LEU E 323 -18.85 -31.06 11.82
N ASP E 324 -18.02 -30.37 12.59
CA ASP E 324 -17.82 -28.93 12.53
C ASP E 324 -16.93 -28.57 11.34
N PRO E 325 -15.79 -29.25 11.11
CA PRO E 325 -14.95 -28.86 9.98
C PRO E 325 -15.42 -29.40 8.63
N VAL E 326 -16.65 -29.88 8.52
CA VAL E 326 -17.15 -30.30 7.23
C VAL E 326 -18.31 -29.42 6.74
N VAL E 327 -19.07 -28.81 7.64
CA VAL E 327 -20.15 -27.90 7.29
C VAL E 327 -19.75 -26.45 7.42
N TYR E 328 -18.48 -26.16 7.69
CA TYR E 328 -17.97 -24.80 7.78
C TYR E 328 -16.78 -24.52 6.88
N TYR E 329 -15.87 -25.48 6.73
CA TYR E 329 -14.66 -25.27 5.96
C TYR E 329 -14.74 -25.85 4.57
N PHE E 330 -15.09 -27.14 4.44
CA PHE E 330 -15.15 -27.77 3.13
C PHE E 330 -16.48 -27.50 2.42
N SER E 331 -17.58 -27.95 2.99
CA SER E 331 -18.90 -27.76 2.37
C SER E 331 -19.49 -26.42 2.80
N SER E 332 -18.68 -25.38 2.61
CA SER E 332 -19.09 -23.99 2.86
C SER E 332 -18.02 -23.03 2.35
#